data_2PMD
#
_entry.id   2PMD
#
_cell.length_a   95.060
_cell.length_b   95.060
_cell.length_c   165.670
_cell.angle_alpha   90.00
_cell.angle_beta   90.00
_cell.angle_gamma   120.00
#
_symmetry.space_group_name_H-M   'P 31'
#
loop_
_entity.id
_entity.type
_entity.pdbx_description
1 polymer 'Translation initiation factor 2 gamma subunit'
2 non-polymer "GUANOSINE-5'-DIPHOSPHATE"
3 non-polymer 'PHOSPHOAMINOPHOSPHONIC ACID-GUANYLATE ESTER'
4 non-polymer PYROPHOSPHATE
5 water water
#
_entity_poly.entity_id   1
_entity_poly.type   'polypeptide(L)'
_entity_poly.pdbx_seq_one_letter_code
;MAWPKVQPEVNIGVVGHVDHGKTTLVQAITGIWTSKHSEELKRGMTIKLGYAETNIGVCESCKKPEAYVTEPSCKSCGSD
DEPKFLRRISFIDAPGHEVLMATMLSGAALMDGAILVVAANEPFPQPQTREHFVALGIIGVKNLIIVQNKVDVVSKEEAL
SQYRQIKQFTKGTWAENVPIIPVSALHKINIDSLIEGIEEYIKTPYRDLSQKPVMLVIRSFDVNKPGTQFNELKGGVIGG
SIIQGLFKVDQEIKVLPGLRVEKQGKVSYEPIFTKISSIRFGDEEFKEAKPGGLVAIGTYLDPSLTKADNLLGSIITLAD
AEVPVLWNIRIKYNLLERVVGAKEMLKVDPIRAKETLMLSVGSSTTLGIVTSVKKDEIEVELRRPVAVWSNNIRTVISRQ
IAGRWRMIGWGLVEI
;
_entity_poly.pdbx_strand_id   A,B
#
loop_
_chem_comp.id
_chem_comp.type
_chem_comp.name
_chem_comp.formula
GDP RNA linking GUANOSINE-5'-DIPHOSPHATE 'C10 H15 N5 O11 P2'
GNP non-polymer 'PHOSPHOAMINOPHOSPHONIC ACID-GUANYLATE ESTER' 'C10 H17 N6 O13 P3'
PPV non-polymer PYROPHOSPHATE 'H4 O7 P2'
#
# COMPACT_ATOMS: atom_id res chain seq x y z
N ALA A 2 -25.42 -2.03 40.91
CA ALA A 2 -25.10 -2.68 39.60
C ALA A 2 -23.60 -2.94 39.49
N TRP A 3 -23.17 -3.44 38.34
CA TRP A 3 -21.75 -3.70 38.11
C TRP A 3 -21.28 -2.49 37.32
N PRO A 4 -19.98 -2.14 37.43
CA PRO A 4 -19.39 -1.00 36.74
C PRO A 4 -19.01 -1.27 35.28
N LYS A 5 -19.19 -0.27 34.43
CA LYS A 5 -18.85 -0.40 33.02
C LYS A 5 -17.41 0.04 32.84
N VAL A 6 -16.50 -0.78 33.35
CA VAL A 6 -15.06 -0.51 33.29
C VAL A 6 -14.41 -1.17 32.06
N GLN A 7 -13.10 -0.99 31.90
CA GLN A 7 -12.33 -1.57 30.79
C GLN A 7 -11.62 -2.82 31.30
N PRO A 8 -11.22 -3.74 30.39
CA PRO A 8 -10.53 -4.96 30.81
C PRO A 8 -9.22 -4.56 31.48
N GLU A 9 -8.78 -5.36 32.45
CA GLU A 9 -7.57 -5.03 33.17
C GLU A 9 -6.53 -6.12 33.02
N VAL A 10 -6.83 -7.10 32.18
CA VAL A 10 -5.90 -8.20 31.96
C VAL A 10 -6.17 -8.92 30.66
N ASN A 11 -5.10 -9.24 29.92
CA ASN A 11 -5.26 -9.95 28.66
C ASN A 11 -4.84 -11.40 28.79
N ILE A 12 -5.68 -12.29 28.29
CA ILE A 12 -5.39 -13.72 28.32
C ILE A 12 -5.46 -14.23 26.90
N GLY A 13 -4.41 -14.92 26.51
CA GLY A 13 -4.37 -15.45 25.16
C GLY A 13 -4.72 -16.92 25.18
N VAL A 14 -5.52 -17.33 24.21
CA VAL A 14 -5.90 -18.72 24.13
C VAL A 14 -5.17 -19.32 22.96
N VAL A 15 -4.28 -20.25 23.27
CA VAL A 15 -3.51 -20.93 22.25
C VAL A 15 -3.96 -22.37 22.22
N GLY A 16 -4.26 -22.85 21.03
CA GLY A 16 -4.70 -24.21 20.90
C GLY A 16 -4.48 -24.75 19.52
N HIS A 17 -3.76 -25.87 19.45
CA HIS A 17 -3.51 -26.55 18.19
C HIS A 17 -4.81 -26.44 17.38
N VAL A 18 -4.72 -25.87 16.18
CA VAL A 18 -5.89 -25.70 15.33
C VAL A 18 -6.78 -26.96 15.36
N ASP A 19 -7.98 -26.79 15.93
CA ASP A 19 -9.00 -27.84 16.07
C ASP A 19 -9.09 -28.49 17.46
N HIS A 20 -8.64 -27.79 18.50
CA HIS A 20 -8.70 -28.34 19.84
C HIS A 20 -9.76 -27.66 20.71
N GLY A 21 -10.25 -26.49 20.27
CA GLY A 21 -11.29 -25.79 20.99
C GLY A 21 -11.26 -24.28 21.25
N LYS A 22 -10.16 -23.61 20.93
CA LYS A 22 -10.00 -22.17 21.17
C LYS A 22 -11.24 -21.29 20.97
N THR A 23 -11.63 -21.09 19.71
CA THR A 23 -12.77 -20.26 19.31
C THR A 23 -14.07 -20.52 20.09
N THR A 24 -14.32 -21.80 20.31
CA THR A 24 -15.52 -22.24 21.02
C THR A 24 -15.38 -22.05 22.54
N LEU A 25 -14.17 -22.27 23.05
CA LEU A 25 -13.89 -22.12 24.48
C LEU A 25 -14.00 -20.67 24.93
N VAL A 26 -13.49 -19.76 24.11
CA VAL A 26 -13.58 -18.35 24.44
C VAL A 26 -15.06 -18.00 24.46
N GLN A 27 -15.83 -18.65 23.60
CA GLN A 27 -17.25 -18.39 23.54
C GLN A 27 -17.98 -18.92 24.76
N ALA A 28 -17.58 -20.11 25.21
CA ALA A 28 -18.20 -20.71 26.38
C ALA A 28 -18.01 -19.82 27.60
N ILE A 29 -17.00 -18.96 27.56
CA ILE A 29 -16.74 -18.08 28.71
C ILE A 29 -17.29 -16.68 28.55
N THR A 30 -16.91 -16.01 27.47
CA THR A 30 -17.37 -14.66 27.26
C THR A 30 -18.79 -14.64 26.72
N GLY A 31 -19.11 -15.61 25.87
CA GLY A 31 -20.44 -15.66 25.29
C GLY A 31 -20.36 -15.02 23.91
N ILE A 32 -19.13 -14.91 23.41
CA ILE A 32 -18.84 -14.31 22.10
C ILE A 32 -17.97 -15.27 21.28
N TRP A 33 -18.04 -15.17 19.95
CA TRP A 33 -17.25 -16.02 19.06
C TRP A 33 -16.14 -15.20 18.38
N THR A 34 -14.93 -15.22 18.95
CA THR A 34 -13.80 -14.45 18.45
C THR A 34 -13.59 -14.48 16.94
N SER A 35 -13.15 -15.62 16.42
CA SER A 35 -12.86 -15.80 15.00
C SER A 35 -13.72 -14.98 13.98
N LYS A 36 -15.02 -15.33 13.76
CA LYS A 36 -15.96 -14.68 12.81
C LYS A 36 -17.19 -14.42 13.65
N HIS A 37 -17.81 -13.27 13.47
CA HIS A 37 -18.56 -12.91 14.64
C HIS A 37 -19.90 -12.14 14.71
N SER A 38 -19.94 -10.81 14.46
CA SER A 38 -21.26 -10.11 14.56
C SER A 38 -21.39 -8.56 14.38
N GLU A 39 -20.33 -7.76 14.50
CA GLU A 39 -20.52 -6.30 14.40
C GLU A 39 -19.22 -5.64 13.99
N GLU A 40 -19.26 -4.52 13.29
CA GLU A 40 -18.09 -3.79 12.84
C GLU A 40 -18.38 -2.31 12.86
N LEU A 41 -19.67 -1.98 12.88
CA LEU A 41 -20.10 -0.59 12.91
C LEU A 41 -19.52 0.11 14.14
N LYS A 42 -19.11 -0.69 15.12
CA LYS A 42 -18.49 -0.17 16.35
C LYS A 42 -17.92 -1.29 17.24
N ARG A 43 -17.54 -2.41 16.64
CA ARG A 43 -16.98 -3.52 17.42
C ARG A 43 -15.47 -3.62 17.17
N GLY A 44 -14.70 -3.59 18.26
CA GLY A 44 -13.24 -3.65 18.21
C GLY A 44 -12.60 -4.71 17.33
N MET A 45 -11.76 -4.27 16.39
CA MET A 45 -11.08 -5.19 15.48
C MET A 45 -9.55 -5.12 15.56
N THR A 46 -8.90 -6.16 15.06
CA THR A 46 -7.45 -6.25 15.08
C THR A 46 -6.88 -6.60 13.70
N ILE A 47 -5.55 -6.76 13.64
CA ILE A 47 -4.88 -7.12 12.39
C ILE A 47 -5.50 -8.36 11.76
N LYS A 48 -6.01 -9.26 12.59
CA LYS A 48 -6.63 -10.50 12.13
C LYS A 48 -7.12 -11.40 13.27
N LEU A 49 -6.44 -11.31 14.41
CA LEU A 49 -6.74 -12.12 15.59
C LEU A 49 -8.08 -11.90 16.30
N GLY A 50 -8.60 -12.99 16.88
CA GLY A 50 -9.87 -12.95 17.59
C GLY A 50 -9.71 -12.32 18.96
N TYR A 51 -10.74 -11.62 19.40
CA TYR A 51 -10.70 -10.94 20.68
C TYR A 51 -12.08 -10.84 21.32
N ALA A 52 -12.15 -11.13 22.61
CA ALA A 52 -13.40 -11.07 23.35
C ALA A 52 -13.18 -10.67 24.80
N GLU A 53 -14.15 -9.96 25.38
CA GLU A 53 -14.04 -9.56 26.77
C GLU A 53 -15.29 -9.90 27.57
N THR A 54 -15.15 -10.01 28.89
CA THR A 54 -16.26 -10.34 29.78
C THR A 54 -15.93 -9.90 31.19
N ASN A 55 -16.98 -9.69 31.98
CA ASN A 55 -16.78 -9.31 33.36
C ASN A 55 -16.71 -10.60 34.13
N ILE A 56 -16.13 -10.54 35.32
CA ILE A 56 -16.04 -11.71 36.18
C ILE A 56 -16.51 -11.32 37.57
N GLY A 57 -17.45 -12.10 38.11
CA GLY A 57 -17.99 -11.82 39.43
C GLY A 57 -18.01 -13.09 40.25
N VAL A 58 -18.59 -13.01 41.44
CA VAL A 58 -18.69 -14.17 42.33
C VAL A 58 -19.88 -14.02 43.27
N CYS A 59 -20.60 -15.11 43.47
CA CYS A 59 -21.75 -15.08 44.35
C CYS A 59 -21.26 -15.44 45.73
N GLU A 60 -21.49 -14.52 46.66
CA GLU A 60 -21.06 -14.69 48.04
C GLU A 60 -21.68 -15.88 48.77
N SER A 61 -22.96 -16.08 48.56
CA SER A 61 -23.68 -17.17 49.22
C SER A 61 -23.32 -18.57 48.70
N CYS A 62 -23.33 -18.73 47.38
CA CYS A 62 -23.04 -20.00 46.72
C CYS A 62 -21.62 -20.54 46.91
N LYS A 63 -21.48 -21.86 46.77
CA LYS A 63 -20.18 -22.51 46.91
C LYS A 63 -19.41 -22.41 45.60
N LYS A 64 -18.10 -22.68 45.64
CA LYS A 64 -17.27 -22.61 44.44
C LYS A 64 -17.06 -24.02 43.91
N PRO A 65 -16.77 -24.16 42.60
CA PRO A 65 -16.61 -23.15 41.57
C PRO A 65 -17.91 -22.58 41.03
N GLU A 66 -19.02 -23.24 41.30
CA GLU A 66 -20.32 -22.80 40.81
C GLU A 66 -20.64 -21.34 41.11
N ALA A 67 -19.98 -20.76 42.12
CA ALA A 67 -20.21 -19.36 42.54
C ALA A 67 -19.66 -18.28 41.62
N TYR A 68 -18.74 -18.64 40.71
CA TYR A 68 -18.20 -17.66 39.78
C TYR A 68 -19.19 -17.47 38.66
N VAL A 69 -19.39 -16.23 38.26
CA VAL A 69 -20.34 -15.93 37.21
C VAL A 69 -19.73 -14.88 36.28
N THR A 70 -20.19 -14.81 35.05
CA THR A 70 -19.68 -13.81 34.13
C THR A 70 -20.77 -12.80 33.91
N GLU A 71 -21.87 -12.96 34.63
CA GLU A 71 -22.98 -12.03 34.50
C GLU A 71 -23.47 -11.61 35.88
N PRO A 72 -24.06 -10.41 35.99
CA PRO A 72 -24.57 -9.85 37.26
C PRO A 72 -25.77 -10.53 37.91
N SER A 73 -25.71 -11.86 38.05
CA SER A 73 -26.80 -12.61 38.66
C SER A 73 -26.35 -13.85 39.40
N CYS A 74 -27.05 -14.15 40.49
CA CYS A 74 -26.72 -15.33 41.28
C CYS A 74 -27.84 -16.33 41.30
N LYS A 75 -28.90 -16.05 40.55
CA LYS A 75 -30.04 -16.95 40.47
C LYS A 75 -29.60 -18.39 40.28
N SER A 76 -28.64 -18.59 39.39
CA SER A 76 -28.13 -19.92 39.06
C SER A 76 -27.81 -20.75 40.28
N CYS A 77 -27.81 -20.13 41.45
CA CYS A 77 -27.52 -20.87 42.67
C CYS A 77 -28.17 -20.33 43.95
N GLY A 78 -29.39 -19.83 43.82
CA GLY A 78 -30.09 -19.33 44.99
C GLY A 78 -30.40 -17.85 45.04
N SER A 79 -29.38 -17.05 45.37
CA SER A 79 -29.54 -15.59 45.51
C SER A 79 -30.27 -14.85 44.39
N ASP A 80 -31.02 -13.83 44.77
CA ASP A 80 -31.68 -12.98 43.79
C ASP A 80 -30.71 -11.81 43.87
N ASP A 81 -29.73 -11.99 44.75
CA ASP A 81 -28.66 -11.03 45.04
C ASP A 81 -27.71 -10.80 43.89
N GLU A 82 -27.20 -9.58 43.79
CA GLU A 82 -26.24 -9.24 42.75
C GLU A 82 -24.91 -9.80 43.23
N PRO A 83 -24.18 -10.52 42.35
CA PRO A 83 -22.90 -11.06 42.78
C PRO A 83 -21.86 -9.98 42.89
N LYS A 84 -20.72 -10.35 43.47
CA LYS A 84 -19.65 -9.41 43.62
C LYS A 84 -18.81 -9.32 42.33
N PHE A 85 -18.53 -8.10 41.89
CA PHE A 85 -17.73 -7.90 40.70
C PHE A 85 -16.26 -8.18 41.10
N LEU A 86 -15.46 -8.69 40.18
CA LEU A 86 -14.05 -8.96 40.47
C LEU A 86 -13.18 -8.22 39.49
N ARG A 87 -13.47 -8.40 38.20
CA ARG A 87 -12.72 -7.72 37.18
C ARG A 87 -13.31 -8.07 35.85
N ARG A 88 -12.92 -7.30 34.84
CA ARG A 88 -13.35 -7.51 33.48
C ARG A 88 -12.07 -7.98 32.85
N ILE A 89 -12.15 -8.98 31.98
CA ILE A 89 -10.97 -9.54 31.36
C ILE A 89 -11.06 -9.61 29.85
N SER A 90 -9.95 -9.96 29.19
CA SER A 90 -9.92 -10.07 27.75
C SER A 90 -9.27 -11.34 27.28
N PHE A 91 -9.67 -11.77 26.09
CA PHE A 91 -9.11 -12.97 25.50
C PHE A 91 -8.67 -12.67 24.10
N ILE A 92 -7.54 -13.22 23.71
CA ILE A 92 -7.06 -13.05 22.37
C ILE A 92 -6.68 -14.44 21.93
N ASP A 93 -6.82 -14.69 20.63
CA ASP A 93 -6.47 -15.98 20.04
C ASP A 93 -6.42 -15.77 18.54
N ALA A 94 -6.00 -16.80 17.80
CA ALA A 94 -5.93 -16.69 16.36
C ALA A 94 -7.04 -17.53 15.75
N PRO A 95 -7.82 -16.94 14.84
CA PRO A 95 -8.94 -17.60 14.14
C PRO A 95 -8.56 -18.91 13.45
N GLY A 96 -9.27 -19.99 13.79
CA GLY A 96 -9.03 -21.30 13.21
C GLY A 96 -7.61 -21.57 12.74
N HIS A 97 -6.66 -20.98 13.42
CA HIS A 97 -5.26 -21.12 13.08
C HIS A 97 -4.48 -20.85 14.32
N GLU A 98 -3.57 -19.86 14.29
CA GLU A 98 -2.92 -19.56 15.58
C GLU A 98 -1.55 -18.92 15.74
N VAL A 99 -0.45 -19.33 15.10
CA VAL A 99 0.82 -18.61 15.29
C VAL A 99 0.83 -17.45 14.29
N LEU A 100 1.01 -17.79 13.02
CA LEU A 100 1.08 -16.88 11.88
C LEU A 100 2.43 -16.12 11.84
N MET A 101 3.31 -16.46 12.79
CA MET A 101 4.67 -15.89 12.95
C MET A 101 4.88 -14.37 13.24
N ALA A 102 4.09 -13.40 12.89
CA ALA A 102 4.49 -12.14 13.52
C ALA A 102 3.34 -11.79 14.47
N THR A 103 2.33 -12.66 14.44
CA THR A 103 1.15 -12.49 15.27
C THR A 103 1.38 -13.01 16.68
N MET A 104 1.94 -14.21 16.78
CA MET A 104 2.24 -14.84 18.07
C MET A 104 3.30 -14.01 18.81
N LEU A 105 4.07 -13.25 18.03
CA LEU A 105 5.14 -12.42 18.58
C LEU A 105 4.56 -11.11 19.11
N SER A 106 3.55 -10.57 18.43
CA SER A 106 2.88 -9.35 18.88
C SER A 106 2.24 -9.73 20.21
N GLY A 107 1.32 -10.70 20.14
CA GLY A 107 0.66 -11.19 21.34
C GLY A 107 1.72 -11.87 22.18
N ALA A 108 2.35 -11.08 23.03
CA ALA A 108 3.40 -11.56 23.91
C ALA A 108 3.64 -10.45 24.90
N ALA A 109 3.75 -9.24 24.37
CA ALA A 109 3.94 -8.06 25.19
C ALA A 109 2.55 -7.72 25.67
N LEU A 110 1.56 -8.35 25.01
CA LEU A 110 0.16 -8.14 25.33
C LEU A 110 -0.41 -9.12 26.35
N MET A 111 -0.19 -10.41 26.13
CA MET A 111 -0.70 -11.42 27.04
C MET A 111 -0.23 -11.28 28.48
N ASP A 112 -1.16 -11.38 29.41
CA ASP A 112 -0.81 -11.29 30.81
C ASP A 112 -0.72 -12.71 31.34
N GLY A 113 -1.32 -13.64 30.60
CA GLY A 113 -1.31 -15.03 30.99
C GLY A 113 -1.85 -15.78 29.80
N ALA A 114 -1.86 -17.11 29.84
CA ALA A 114 -2.37 -17.85 28.68
C ALA A 114 -3.06 -19.18 28.96
N ILE A 115 -3.73 -19.68 27.92
CA ILE A 115 -4.43 -20.93 28.01
C ILE A 115 -4.11 -21.84 26.83
N LEU A 116 -3.55 -23.01 27.16
CA LEU A 116 -3.18 -24.00 26.17
C LEU A 116 -4.30 -25.04 26.13
N VAL A 117 -5.02 -25.05 25.01
CA VAL A 117 -6.12 -25.96 24.83
C VAL A 117 -5.63 -27.29 24.30
N VAL A 118 -6.04 -28.37 24.95
CA VAL A 118 -5.68 -29.71 24.55
C VAL A 118 -6.93 -30.55 24.28
N ALA A 119 -6.99 -31.20 23.13
CA ALA A 119 -8.12 -32.05 22.80
C ALA A 119 -7.94 -33.36 23.57
N ALA A 120 -8.91 -33.67 24.44
CA ALA A 120 -8.86 -34.86 25.27
C ALA A 120 -9.03 -36.16 24.48
N ASN A 121 -9.40 -36.06 23.20
CA ASN A 121 -9.56 -37.25 22.39
C ASN A 121 -8.48 -37.30 21.32
N GLU A 122 -7.32 -36.71 21.62
CA GLU A 122 -6.18 -36.69 20.72
C GLU A 122 -4.97 -37.09 21.54
N PRO A 123 -4.06 -37.89 20.96
CA PRO A 123 -2.88 -38.30 21.71
C PRO A 123 -2.01 -37.08 22.03
N PHE A 124 -1.69 -36.92 23.30
CA PHE A 124 -0.87 -35.80 23.77
C PHE A 124 0.61 -36.15 23.74
N PRO A 125 1.46 -35.24 23.25
CA PRO A 125 1.09 -33.92 22.72
C PRO A 125 1.24 -33.89 21.21
N GLN A 126 0.21 -33.37 20.54
CA GLN A 126 0.26 -33.26 19.10
C GLN A 126 1.49 -32.42 18.81
N PRO A 127 2.00 -32.45 17.57
CA PRO A 127 3.20 -31.67 17.21
C PRO A 127 3.01 -30.16 17.42
N GLN A 128 1.94 -29.63 16.87
CA GLN A 128 1.64 -28.22 16.97
C GLN A 128 1.56 -27.74 18.42
N THR A 129 1.22 -28.65 19.33
CA THR A 129 1.14 -28.31 20.74
C THR A 129 2.54 -28.15 21.33
N ARG A 130 3.45 -29.01 20.92
CA ARG A 130 4.83 -28.96 21.39
C ARG A 130 5.43 -27.60 21.10
N GLU A 131 5.29 -27.16 19.86
CA GLU A 131 5.82 -25.87 19.44
C GLU A 131 5.11 -24.70 20.08
N HIS A 132 3.82 -24.88 20.39
CA HIS A 132 3.05 -23.83 21.05
C HIS A 132 3.68 -23.72 22.41
N PHE A 133 3.97 -24.88 22.98
CA PHE A 133 4.57 -24.97 24.28
C PHE A 133 5.89 -24.24 24.35
N VAL A 134 6.78 -24.48 23.39
CA VAL A 134 8.07 -23.79 23.38
C VAL A 134 7.86 -22.30 23.10
N ALA A 135 6.95 -22.00 22.16
CA ALA A 135 6.64 -20.62 21.78
C ALA A 135 6.25 -19.84 23.01
N LEU A 136 5.50 -20.48 23.89
CA LEU A 136 5.06 -19.85 25.13
C LEU A 136 6.23 -19.64 26.07
N GLY A 137 7.15 -20.59 26.09
CA GLY A 137 8.32 -20.46 26.95
C GLY A 137 9.14 -19.30 26.46
N ILE A 138 9.33 -19.24 25.14
CA ILE A 138 10.08 -18.17 24.51
C ILE A 138 9.44 -16.83 24.86
N ILE A 139 8.18 -16.69 24.44
CA ILE A 139 7.37 -15.50 24.68
C ILE A 139 7.52 -15.00 26.12
N GLY A 140 7.78 -15.93 27.02
CA GLY A 140 7.93 -15.58 28.42
C GLY A 140 6.57 -15.63 29.10
N VAL A 141 5.71 -16.53 28.64
CA VAL A 141 4.38 -16.62 29.23
C VAL A 141 4.48 -16.98 30.71
N LYS A 142 4.14 -15.98 31.51
CA LYS A 142 4.16 -16.11 32.95
C LYS A 142 3.10 -17.11 33.39
N ASN A 143 1.90 -16.58 33.65
CA ASN A 143 0.76 -17.37 34.10
C ASN A 143 0.15 -18.23 33.01
N LEU A 144 0.19 -19.55 33.20
CA LEU A 144 -0.37 -20.46 32.21
C LEU A 144 -1.35 -21.46 32.80
N ILE A 145 -2.37 -21.81 32.02
CA ILE A 145 -3.34 -22.81 32.44
C ILE A 145 -3.52 -23.75 31.26
N ILE A 146 -3.61 -25.04 31.54
CA ILE A 146 -3.80 -25.98 30.46
C ILE A 146 -5.18 -26.50 30.58
N VAL A 147 -5.91 -26.40 29.49
CA VAL A 147 -7.29 -26.84 29.46
C VAL A 147 -7.42 -28.15 28.69
N GLN A 148 -7.98 -29.15 29.34
CA GLN A 148 -8.21 -30.44 28.70
C GLN A 148 -9.65 -30.40 28.14
N ASN A 149 -9.75 -30.02 26.87
CA ASN A 149 -11.02 -29.88 26.20
C ASN A 149 -11.57 -31.19 25.64
N LYS A 150 -12.83 -31.17 25.24
CA LYS A 150 -13.51 -32.34 24.69
C LYS A 150 -13.52 -33.52 25.65
N VAL A 151 -13.40 -33.25 26.95
CA VAL A 151 -13.35 -34.30 27.95
C VAL A 151 -14.65 -35.13 28.05
N ASP A 152 -15.74 -34.57 27.54
CA ASP A 152 -17.04 -35.22 27.55
C ASP A 152 -17.17 -36.33 26.52
N VAL A 153 -16.19 -36.44 25.63
CA VAL A 153 -16.25 -37.48 24.61
C VAL A 153 -15.32 -38.64 24.88
N VAL A 154 -14.74 -38.67 26.07
CA VAL A 154 -13.84 -39.75 26.46
C VAL A 154 -14.21 -40.11 27.88
N SER A 155 -13.77 -41.26 28.33
CA SER A 155 -14.09 -41.74 29.67
C SER A 155 -13.26 -41.05 30.75
N LYS A 156 -13.76 -41.04 31.98
CA LYS A 156 -13.03 -40.45 33.08
C LYS A 156 -11.65 -41.03 33.13
N GLU A 157 -11.56 -42.33 32.89
CA GLU A 157 -10.29 -43.01 32.93
C GLU A 157 -9.36 -42.57 31.80
N GLU A 158 -9.93 -42.37 30.62
CA GLU A 158 -9.09 -41.95 29.50
C GLU A 158 -8.61 -40.53 29.74
N ALA A 159 -9.51 -39.68 30.21
CA ALA A 159 -9.19 -38.29 30.50
C ALA A 159 -8.06 -38.26 31.50
N LEU A 160 -8.18 -39.08 32.54
CA LEU A 160 -7.16 -39.18 33.57
C LEU A 160 -5.88 -39.66 32.97
N SER A 161 -5.98 -40.59 32.06
CA SER A 161 -4.78 -41.09 31.41
C SER A 161 -4.00 -39.93 30.77
N GLN A 162 -4.66 -39.14 29.93
CA GLN A 162 -4.01 -38.00 29.27
C GLN A 162 -3.50 -37.01 30.30
N TYR A 163 -4.29 -36.77 31.33
CA TYR A 163 -3.96 -35.86 32.41
C TYR A 163 -2.53 -36.10 32.89
N ARG A 164 -2.21 -37.37 33.13
CA ARG A 164 -0.89 -37.79 33.59
C ARG A 164 0.16 -37.52 32.53
N GLN A 165 -0.13 -37.91 31.30
CA GLN A 165 0.79 -37.68 30.21
C GLN A 165 1.24 -36.24 30.23
N ILE A 166 0.27 -35.36 30.44
CA ILE A 166 0.53 -33.93 30.50
C ILE A 166 1.37 -33.59 31.71
N LYS A 167 0.93 -34.05 32.87
CA LYS A 167 1.64 -33.78 34.11
C LYS A 167 3.09 -34.27 34.02
N GLN A 168 3.29 -35.32 33.24
CA GLN A 168 4.62 -35.89 33.07
C GLN A 168 5.20 -35.53 31.72
N PHE A 169 5.09 -34.25 31.40
CA PHE A 169 5.60 -33.71 30.15
C PHE A 169 6.12 -32.34 30.58
N THR A 170 5.50 -31.84 31.63
CA THR A 170 5.86 -30.56 32.21
C THR A 170 6.56 -30.93 33.50
N LYS A 171 6.72 -32.24 33.69
CA LYS A 171 7.36 -32.82 34.87
C LYS A 171 8.70 -32.19 35.21
N GLY A 172 9.41 -31.71 34.19
CA GLY A 172 10.70 -31.10 34.45
C GLY A 172 10.90 -29.76 33.78
N THR A 173 9.80 -29.05 33.52
CA THR A 173 9.88 -27.75 32.86
C THR A 173 9.33 -26.65 33.77
N TRP A 174 9.19 -25.44 33.21
CA TRP A 174 8.67 -24.32 33.97
C TRP A 174 7.20 -24.56 34.26
N ALA A 175 6.58 -25.40 33.42
CA ALA A 175 5.16 -25.72 33.56
C ALA A 175 4.90 -26.69 34.73
N GLU A 176 5.97 -27.19 35.32
CA GLU A 176 5.91 -28.10 36.45
C GLU A 176 4.57 -28.13 37.18
N ASN A 177 4.09 -26.95 37.57
CA ASN A 177 2.83 -26.87 38.30
C ASN A 177 1.62 -26.31 37.57
N VAL A 178 1.79 -25.89 36.33
CA VAL A 178 0.68 -25.35 35.56
C VAL A 178 -0.53 -26.27 35.77
N PRO A 179 -1.69 -25.69 36.12
CA PRO A 179 -2.89 -26.50 36.35
C PRO A 179 -3.50 -27.05 35.07
N ILE A 180 -4.17 -28.19 35.20
CA ILE A 180 -4.85 -28.80 34.07
C ILE A 180 -6.34 -28.84 34.39
N ILE A 181 -7.14 -28.15 33.58
CA ILE A 181 -8.56 -28.11 33.81
C ILE A 181 -9.29 -28.71 32.62
N PRO A 182 -10.11 -29.75 32.88
CA PRO A 182 -10.90 -30.49 31.89
C PRO A 182 -12.26 -29.86 31.66
N VAL A 183 -12.60 -29.61 30.39
CA VAL A 183 -13.89 -29.01 30.07
C VAL A 183 -14.48 -29.48 28.76
N SER A 184 -15.62 -28.89 28.44
CA SER A 184 -16.29 -29.14 27.20
C SER A 184 -16.83 -27.76 26.88
N ALA A 185 -16.17 -27.09 25.94
CA ALA A 185 -16.54 -25.76 25.50
C ALA A 185 -17.80 -25.83 24.66
N LEU A 186 -17.91 -26.93 23.92
CA LEU A 186 -19.06 -27.12 23.06
C LEU A 186 -20.32 -27.24 23.86
N HIS A 187 -20.30 -28.14 24.83
CA HIS A 187 -21.48 -28.37 25.65
C HIS A 187 -21.43 -27.70 26.99
N LYS A 188 -20.40 -26.89 27.19
CA LYS A 188 -20.26 -26.16 28.42
C LYS A 188 -20.29 -27.07 29.63
N ILE A 189 -19.15 -27.62 29.97
CA ILE A 189 -19.07 -28.51 31.11
C ILE A 189 -17.84 -28.19 31.92
N ASN A 190 -18.05 -27.96 33.21
CA ASN A 190 -16.98 -27.63 34.14
C ASN A 190 -16.42 -26.25 33.84
N ILE A 191 -17.15 -25.49 33.02
CA ILE A 191 -16.69 -24.15 32.67
C ILE A 191 -16.41 -23.26 33.87
N ASP A 192 -17.21 -23.45 34.93
CA ASP A 192 -17.05 -22.65 36.16
C ASP A 192 -15.72 -22.87 36.86
N SER A 193 -15.17 -24.07 36.74
CA SER A 193 -13.89 -24.39 37.35
C SER A 193 -12.79 -23.58 36.67
N LEU A 194 -12.85 -23.54 35.34
CA LEU A 194 -11.87 -22.79 34.56
C LEU A 194 -11.90 -21.34 34.97
N ILE A 195 -13.08 -20.78 35.17
CA ILE A 195 -13.15 -19.38 35.60
C ILE A 195 -12.55 -19.21 36.98
N GLU A 196 -12.65 -20.24 37.81
CA GLU A 196 -12.05 -20.19 39.15
C GLU A 196 -10.56 -20.24 38.87
N GLY A 197 -10.19 -21.22 38.06
CA GLY A 197 -8.81 -21.42 37.66
C GLY A 197 -8.09 -20.22 37.06
N ILE A 198 -8.80 -19.34 36.37
CA ILE A 198 -8.11 -18.19 35.81
C ILE A 198 -8.08 -17.08 36.84
N GLU A 199 -8.96 -17.19 37.84
CA GLU A 199 -8.98 -16.18 38.89
C GLU A 199 -7.81 -16.44 39.82
N GLU A 200 -7.39 -17.70 39.90
CA GLU A 200 -6.30 -18.08 40.79
C GLU A 200 -4.92 -18.11 40.15
N TYR A 201 -4.87 -18.58 38.92
CA TYR A 201 -3.61 -18.72 38.23
C TYR A 201 -3.20 -17.57 37.32
N ILE A 202 -4.15 -16.77 36.90
CA ILE A 202 -3.80 -15.63 36.06
C ILE A 202 -4.29 -14.36 36.72
N LYS A 203 -3.60 -13.95 37.77
CA LYS A 203 -3.97 -12.76 38.50
C LYS A 203 -3.57 -11.52 37.74
N THR A 204 -4.27 -10.42 37.98
CA THR A 204 -3.95 -9.17 37.31
C THR A 204 -2.59 -8.70 37.84
N PRO A 205 -1.62 -8.49 36.94
CA PRO A 205 -0.27 -8.03 37.28
C PRO A 205 -0.23 -6.66 37.94
N TYR A 206 0.85 -6.40 38.68
CA TYR A 206 1.00 -5.12 39.36
C TYR A 206 1.05 -4.00 38.32
N ARG A 207 0.47 -2.85 38.64
CA ARG A 207 0.46 -1.74 37.73
C ARG A 207 1.07 -0.50 38.34
N ASP A 208 2.25 -0.11 37.87
CA ASP A 208 2.85 1.11 38.37
C ASP A 208 2.26 2.19 37.48
N LEU A 209 1.23 2.87 37.98
CA LEU A 209 0.57 3.90 37.20
C LEU A 209 1.42 5.12 36.92
N SER A 210 2.61 5.18 37.51
CA SER A 210 3.48 6.34 37.31
C SER A 210 4.43 6.15 36.10
N GLN A 211 4.75 4.91 35.74
CA GLN A 211 5.64 4.65 34.60
C GLN A 211 5.17 5.45 33.40
N LYS A 212 6.09 5.80 32.50
CA LYS A 212 5.72 6.58 31.34
C LYS A 212 4.80 5.76 30.45
N PRO A 213 3.74 6.39 29.90
CA PRO A 213 2.78 5.71 29.04
C PRO A 213 3.40 5.15 27.78
N VAL A 214 3.03 3.91 27.48
CA VAL A 214 3.51 3.25 26.27
C VAL A 214 2.42 2.33 25.77
N MET A 215 2.12 2.45 24.49
CA MET A 215 1.12 1.61 23.87
C MET A 215 1.73 1.01 22.65
N LEU A 216 1.45 -0.26 22.43
CA LEU A 216 1.97 -0.93 21.25
C LEU A 216 0.85 -0.89 20.23
N VAL A 217 1.18 -0.44 19.02
CA VAL A 217 0.19 -0.36 17.96
C VAL A 217 0.19 -1.66 17.20
N ILE A 218 -0.98 -2.25 17.03
CA ILE A 218 -1.13 -3.51 16.33
C ILE A 218 -2.19 -3.37 15.26
N ARG A 219 -2.86 -2.22 15.27
CA ARG A 219 -3.92 -1.94 14.32
C ARG A 219 -4.09 -0.44 14.11
N SER A 220 -4.49 -0.05 12.91
CA SER A 220 -4.69 1.37 12.62
C SER A 220 -5.51 1.45 11.34
N PHE A 221 -6.37 2.47 11.23
CA PHE A 221 -7.19 2.60 10.04
C PHE A 221 -7.87 3.94 9.81
N ASP A 222 -8.58 4.02 8.68
CA ASP A 222 -9.33 5.19 8.27
C ASP A 222 -10.81 4.85 8.44
N VAL A 223 -11.38 5.26 9.57
CA VAL A 223 -12.78 4.95 9.86
C VAL A 223 -13.80 5.56 8.90
N ASN A 224 -13.41 6.61 8.19
CA ASN A 224 -14.35 7.25 7.29
C ASN A 224 -14.90 6.32 6.23
N LYS A 225 -16.22 6.38 6.07
CA LYS A 225 -16.91 5.57 5.11
C LYS A 225 -17.03 6.33 3.81
N PRO A 226 -17.24 5.61 2.71
CA PRO A 226 -17.37 6.26 1.41
C PRO A 226 -18.52 7.27 1.45
N GLY A 227 -18.31 8.44 0.86
CA GLY A 227 -19.35 9.43 0.85
C GLY A 227 -19.17 10.45 1.96
N THR A 228 -18.34 10.13 2.92
CA THR A 228 -18.11 11.05 4.01
C THR A 228 -17.85 12.43 3.43
N GLN A 229 -18.41 13.46 4.03
CA GLN A 229 -18.19 14.83 3.57
C GLN A 229 -16.89 15.32 4.17
N PHE A 230 -16.10 16.02 3.38
CA PHE A 230 -14.80 16.48 3.85
C PHE A 230 -14.76 17.20 5.19
N ASN A 231 -15.70 18.11 5.41
CA ASN A 231 -15.73 18.87 6.65
C ASN A 231 -16.29 18.01 7.78
N GLU A 232 -16.64 16.78 7.47
CA GLU A 232 -17.22 15.90 8.46
C GLU A 232 -16.41 14.63 8.73
N LEU A 233 -15.25 14.49 8.09
CA LEU A 233 -14.50 13.26 8.35
C LEU A 233 -13.69 13.29 9.62
N LYS A 234 -13.40 12.11 10.14
CA LYS A 234 -12.66 11.94 11.38
C LYS A 234 -11.17 11.76 11.14
N GLY A 235 -10.39 11.94 12.20
CA GLY A 235 -8.95 11.77 12.11
C GLY A 235 -8.63 10.29 12.02
N GLY A 236 -7.36 9.96 11.82
CA GLY A 236 -6.99 8.56 11.72
C GLY A 236 -7.31 7.87 13.02
N VAL A 237 -7.24 6.54 13.05
CA VAL A 237 -7.50 5.79 14.28
C VAL A 237 -6.41 4.79 14.53
N ILE A 238 -6.06 4.60 15.80
CA ILE A 238 -5.01 3.67 16.15
C ILE A 238 -5.42 2.64 17.18
N GLY A 239 -5.32 1.37 16.78
CA GLY A 239 -5.67 0.28 17.68
C GLY A 239 -4.41 -0.33 18.22
N GLY A 240 -4.40 -0.60 19.52
CA GLY A 240 -3.23 -1.19 20.12
C GLY A 240 -3.53 -1.54 21.56
N SER A 241 -2.50 -1.95 22.29
CA SER A 241 -2.67 -2.31 23.68
C SER A 241 -1.69 -1.50 24.48
N ILE A 242 -2.14 -1.00 25.61
CA ILE A 242 -1.29 -0.19 26.45
C ILE A 242 -0.52 -1.12 27.35
N ILE A 243 0.80 -0.97 27.29
CA ILE A 243 1.75 -1.78 28.04
C ILE A 243 2.03 -1.30 29.45
N GLN A 244 2.07 0.01 29.63
CA GLN A 244 2.35 0.58 30.93
C GLN A 244 1.84 2.01 30.99
N GLY A 245 1.71 2.54 32.21
CA GLY A 245 1.23 3.89 32.40
C GLY A 245 -0.21 4.02 31.94
N LEU A 246 -0.61 5.23 31.55
CA LEU A 246 -1.97 5.44 31.09
C LEU A 246 -2.01 6.63 30.19
N PHE A 247 -3.01 6.65 29.31
CA PHE A 247 -3.19 7.75 28.38
C PHE A 247 -4.56 8.35 28.64
N LYS A 248 -4.66 9.66 28.44
CA LYS A 248 -5.91 10.36 28.65
C LYS A 248 -6.30 11.10 27.39
N VAL A 249 -7.60 11.20 27.15
CA VAL A 249 -8.10 11.92 26.00
C VAL A 249 -7.52 13.33 26.07
N ASP A 250 -7.05 13.83 24.94
CA ASP A 250 -6.48 15.18 24.85
C ASP A 250 -5.00 15.33 25.16
N GLN A 251 -4.30 14.21 25.35
CA GLN A 251 -2.88 14.28 25.61
C GLN A 251 -2.17 14.40 24.27
N GLU A 252 -0.98 14.99 24.27
CA GLU A 252 -0.20 15.10 23.05
C GLU A 252 0.60 13.82 23.06
N ILE A 253 0.70 13.16 21.91
CA ILE A 253 1.42 11.91 21.85
C ILE A 253 2.26 11.88 20.59
N LYS A 254 3.02 10.80 20.41
CA LYS A 254 3.83 10.66 19.21
C LYS A 254 4.01 9.19 18.86
N VAL A 255 4.24 8.93 17.57
CA VAL A 255 4.39 7.57 17.09
C VAL A 255 5.82 7.28 16.72
N LEU A 256 6.36 6.19 17.27
CA LEU A 256 7.74 5.81 17.02
C LEU A 256 7.82 4.45 16.37
N PRO A 257 8.76 4.28 15.41
CA PRO A 257 9.75 5.25 14.91
C PRO A 257 9.13 6.50 14.30
N GLY A 258 7.87 6.38 13.88
CA GLY A 258 7.19 7.51 13.29
C GLY A 258 7.03 7.33 11.80
N LEU A 259 7.11 8.44 11.09
CA LEU A 259 6.96 8.50 9.65
C LEU A 259 8.23 8.20 8.87
N ARG A 260 8.14 7.25 7.94
CA ARG A 260 9.28 6.89 7.11
C ARG A 260 9.40 7.86 5.97
N VAL A 261 10.51 8.57 5.96
CA VAL A 261 10.79 9.56 4.93
C VAL A 261 12.10 9.15 4.27
N GLU A 262 12.14 9.17 2.94
CA GLU A 262 13.35 8.82 2.22
C GLU A 262 13.87 9.97 1.38
N LYS A 263 14.41 10.99 2.05
CA LYS A 263 14.99 12.16 1.39
C LYS A 263 16.39 11.82 0.89
N GLN A 264 16.71 12.30 -0.32
CA GLN A 264 18.02 12.05 -0.92
C GLN A 264 18.25 10.54 -1.03
N GLY A 265 17.19 9.79 -1.36
CA GLY A 265 17.30 8.36 -1.48
C GLY A 265 17.67 7.68 -0.17
N LYS A 266 17.80 8.47 0.90
CA LYS A 266 18.14 7.93 2.21
C LYS A 266 16.95 7.83 3.15
N VAL A 267 16.69 6.61 3.62
CA VAL A 267 15.58 6.37 4.52
C VAL A 267 15.90 6.97 5.90
N SER A 268 14.84 7.35 6.61
CA SER A 268 14.98 7.92 7.93
C SER A 268 13.56 8.11 8.44
N TYR A 269 13.37 7.98 9.75
CA TYR A 269 12.03 8.11 10.31
C TYR A 269 11.93 9.31 11.22
N GLU A 270 10.95 10.17 11.00
CA GLU A 270 10.76 11.31 11.88
C GLU A 270 9.41 11.08 12.62
N PRO A 271 9.45 10.98 13.96
CA PRO A 271 8.23 10.76 14.74
C PRO A 271 7.03 11.53 14.28
N ILE A 272 5.87 10.92 14.49
CA ILE A 272 4.58 11.48 14.12
C ILE A 272 3.85 11.98 15.37
N PHE A 273 3.54 13.27 15.39
CA PHE A 273 2.84 13.84 16.54
C PHE A 273 1.37 14.08 16.28
N THR A 274 0.56 13.93 17.32
CA THR A 274 -0.89 14.16 17.22
C THR A 274 -1.42 14.16 18.64
N LYS A 275 -2.74 14.28 18.75
CA LYS A 275 -3.40 14.31 20.04
C LYS A 275 -4.50 13.25 20.09
N ILE A 276 -4.82 12.77 21.29
CA ILE A 276 -5.88 11.78 21.47
C ILE A 276 -7.22 12.48 21.54
N SER A 277 -8.11 12.15 20.60
CA SER A 277 -9.43 12.76 20.56
C SER A 277 -10.42 11.89 21.29
N SER A 278 -10.16 10.59 21.35
CA SER A 278 -11.06 9.70 22.04
C SER A 278 -10.42 8.37 22.35
N ILE A 279 -10.95 7.71 23.37
CA ILE A 279 -10.47 6.40 23.80
C ILE A 279 -11.67 5.48 23.85
N ARG A 280 -11.57 4.30 23.27
CA ARG A 280 -12.69 3.39 23.27
C ARG A 280 -12.35 1.94 23.47
N PHE A 281 -13.02 1.32 24.44
CA PHE A 281 -12.82 -0.09 24.74
C PHE A 281 -14.09 -0.85 24.39
N GLY A 282 -14.03 -1.56 23.27
CA GLY A 282 -15.20 -2.27 22.85
C GLY A 282 -16.08 -1.26 22.14
N ASP A 283 -17.28 -1.04 22.65
CA ASP A 283 -18.21 -0.09 22.05
C ASP A 283 -18.52 1.06 23.01
N GLU A 284 -17.75 1.13 24.09
CA GLU A 284 -17.94 2.18 25.06
C GLU A 284 -16.74 3.10 25.17
N GLU A 285 -17.02 4.39 25.27
CA GLU A 285 -16.01 5.42 25.36
C GLU A 285 -15.54 5.66 26.79
N PHE A 286 -14.27 6.04 26.93
CA PHE A 286 -13.68 6.31 28.24
C PHE A 286 -12.90 7.62 28.28
N LYS A 287 -12.40 7.93 29.46
CA LYS A 287 -11.64 9.14 29.66
C LYS A 287 -10.18 8.78 29.56
N GLU A 288 -9.80 7.69 30.23
CA GLU A 288 -8.44 7.20 30.26
C GLU A 288 -8.37 5.79 29.69
N ALA A 289 -7.15 5.30 29.54
CA ALA A 289 -6.88 3.96 29.03
C ALA A 289 -5.64 3.41 29.73
N LYS A 290 -5.83 2.44 30.60
CA LYS A 290 -4.73 1.84 31.32
C LYS A 290 -4.39 0.54 30.61
N PRO A 291 -3.39 -0.19 31.12
CA PRO A 291 -3.01 -1.47 30.52
C PRO A 291 -4.15 -2.46 30.68
N GLY A 292 -4.26 -3.39 29.73
CA GLY A 292 -5.32 -4.38 29.79
C GLY A 292 -6.33 -4.16 28.69
N GLY A 293 -6.61 -5.22 27.93
CA GLY A 293 -7.56 -5.15 26.84
C GLY A 293 -6.97 -4.49 25.61
N LEU A 294 -7.74 -4.43 24.54
CA LEU A 294 -7.30 -3.80 23.31
C LEU A 294 -8.07 -2.49 23.21
N VAL A 295 -7.35 -1.38 23.18
CA VAL A 295 -7.97 -0.07 23.11
C VAL A 295 -7.90 0.53 21.70
N ALA A 296 -8.86 1.39 21.41
CA ALA A 296 -8.94 2.08 20.13
C ALA A 296 -8.71 3.57 20.44
N ILE A 297 -7.73 4.18 19.80
CA ILE A 297 -7.42 5.58 20.05
C ILE A 297 -7.75 6.47 18.87
N GLY A 298 -8.56 7.50 19.09
CA GLY A 298 -8.88 8.39 18.01
C GLY A 298 -7.85 9.50 18.05
N THR A 299 -7.38 9.96 16.89
CA THR A 299 -6.39 11.03 16.83
C THR A 299 -6.88 12.13 15.89
N TYR A 300 -5.93 12.97 15.50
CA TYR A 300 -6.19 14.07 14.60
C TYR A 300 -5.26 13.89 13.42
N LEU A 301 -4.87 12.64 13.18
CA LEU A 301 -3.96 12.35 12.09
C LEU A 301 -4.67 12.25 10.77
N ASP A 302 -3.96 12.64 9.72
CA ASP A 302 -4.50 12.55 8.39
C ASP A 302 -4.70 11.05 8.17
N PRO A 303 -5.93 10.64 7.87
CA PRO A 303 -6.27 9.22 7.64
C PRO A 303 -5.25 8.44 6.81
N SER A 304 -4.56 9.12 5.90
CA SER A 304 -3.55 8.47 5.06
C SER A 304 -2.47 7.85 5.90
N LEU A 305 -2.28 8.40 7.09
CA LEU A 305 -1.24 7.91 7.99
C LEU A 305 -1.55 6.57 8.63
N THR A 306 -2.82 6.34 8.97
CA THR A 306 -3.22 5.11 9.63
C THR A 306 -3.80 4.09 8.66
N LYS A 307 -4.53 4.59 7.67
CA LYS A 307 -5.15 3.77 6.64
C LYS A 307 -4.51 2.41 6.49
N ALA A 308 -5.33 1.36 6.53
CA ALA A 308 -4.85 0.01 6.33
C ALA A 308 -3.62 -0.35 7.17
N ASP A 309 -3.79 -0.36 8.49
CA ASP A 309 -2.68 -0.70 9.39
C ASP A 309 -1.34 -0.11 8.98
N ASN A 310 -1.34 1.12 8.50
CA ASN A 310 -0.07 1.72 8.08
C ASN A 310 0.91 1.83 9.24
N LEU A 311 0.40 2.07 10.45
CA LEU A 311 1.27 2.23 11.60
C LEU A 311 1.53 0.99 12.47
N LEU A 312 1.15 -0.19 11.98
CA LEU A 312 1.37 -1.42 12.72
C LEU A 312 2.83 -1.64 13.09
N GLY A 313 3.08 -2.00 14.35
CA GLY A 313 4.44 -2.22 14.80
C GLY A 313 5.04 -1.02 15.50
N SER A 314 4.35 0.11 15.41
CA SER A 314 4.79 1.33 16.05
C SER A 314 4.41 1.31 17.54
N ILE A 315 4.84 2.32 18.27
CA ILE A 315 4.45 2.42 19.67
C ILE A 315 4.06 3.88 19.87
N ILE A 316 3.16 4.11 20.81
CA ILE A 316 2.72 5.46 21.12
C ILE A 316 3.16 5.79 22.53
N THR A 317 3.65 7.00 22.71
CA THR A 317 4.06 7.46 24.02
C THR A 317 3.70 8.93 24.03
N LEU A 318 3.97 9.60 25.14
CA LEU A 318 3.65 11.02 25.24
C LEU A 318 4.64 11.79 24.42
N ALA A 319 4.21 12.92 23.86
CA ALA A 319 5.07 13.74 23.01
C ALA A 319 6.46 14.06 23.55
N ASP A 320 6.58 14.25 24.85
CA ASP A 320 7.89 14.58 25.41
C ASP A 320 8.65 13.39 25.95
N ALA A 321 8.04 12.21 25.86
CA ALA A 321 8.69 11.00 26.35
C ALA A 321 10.04 10.89 25.68
N GLU A 322 11.04 10.44 26.43
CA GLU A 322 12.35 10.29 25.83
C GLU A 322 12.57 8.82 25.54
N VAL A 323 12.34 8.43 24.29
CA VAL A 323 12.51 7.05 23.88
C VAL A 323 13.48 6.92 22.69
N PRO A 324 14.54 6.13 22.88
CA PRO A 324 15.51 5.94 21.81
C PRO A 324 14.83 5.30 20.62
N VAL A 325 15.43 5.46 19.44
CA VAL A 325 14.92 4.86 18.23
C VAL A 325 16.24 4.51 17.59
N LEU A 326 16.59 3.23 17.69
CA LEU A 326 17.87 2.73 17.21
C LEU A 326 17.85 1.86 15.95
N TRP A 327 18.89 2.01 15.13
CA TRP A 327 19.02 1.21 13.92
C TRP A 327 20.03 0.10 14.15
N ASN A 328 20.60 0.09 15.36
CA ASN A 328 21.60 -0.91 15.76
C ASN A 328 21.32 -1.20 17.22
N ILE A 329 21.10 -2.47 17.55
CA ILE A 329 20.84 -2.84 18.93
C ILE A 329 21.70 -3.98 19.45
N ARG A 330 21.92 -4.00 20.77
CA ARG A 330 22.73 -5.01 21.43
C ARG A 330 21.75 -5.91 22.21
N ILE A 331 21.85 -7.22 22.03
CA ILE A 331 20.94 -8.15 22.70
C ILE A 331 21.61 -9.26 23.49
N LYS A 332 21.23 -9.39 24.76
CA LYS A 332 21.73 -10.46 25.62
C LYS A 332 20.75 -11.59 25.33
N TYR A 333 21.22 -12.60 24.59
CA TYR A 333 20.36 -13.71 24.17
C TYR A 333 20.60 -15.08 24.79
N ASN A 334 19.62 -15.94 24.55
CA ASN A 334 19.57 -17.33 24.99
C ASN A 334 18.86 -18.08 23.88
N LEU A 335 19.57 -18.97 23.20
CA LEU A 335 18.97 -19.75 22.12
C LEU A 335 18.35 -21.05 22.59
N LEU A 336 17.76 -21.75 21.63
CA LEU A 336 17.16 -23.05 21.89
C LEU A 336 18.19 -24.03 21.41
N GLU A 337 18.20 -25.19 22.05
CA GLU A 337 19.11 -26.28 21.72
C GLU A 337 18.72 -26.81 20.34
N ARG A 338 17.42 -27.00 20.15
CA ARG A 338 16.89 -27.48 18.89
C ARG A 338 15.46 -27.01 18.77
N VAL A 339 15.00 -26.90 17.53
CA VAL A 339 13.66 -26.43 17.24
C VAL A 339 12.78 -27.57 16.73
N VAL A 340 11.46 -27.40 16.90
CA VAL A 340 10.49 -28.40 16.44
C VAL A 340 10.59 -28.43 14.93
N GLY A 341 11.34 -29.39 14.41
CA GLY A 341 11.51 -29.51 12.97
C GLY A 341 10.29 -30.10 12.29
N ALA A 342 10.29 -30.07 10.96
CA ALA A 342 9.19 -30.60 10.17
C ALA A 342 8.92 -32.07 10.48
N LYS A 343 9.88 -32.92 10.11
CA LYS A 343 9.77 -34.35 10.34
C LYS A 343 9.64 -34.66 11.83
N GLU A 344 10.73 -34.47 12.57
CA GLU A 344 10.78 -34.75 14.00
C GLU A 344 11.36 -33.60 14.84
N MET A 345 12.54 -33.14 14.46
CA MET A 345 13.23 -32.07 15.18
C MET A 345 14.15 -31.29 14.26
N LEU A 346 15.13 -30.61 14.85
CA LEU A 346 16.09 -29.82 14.10
C LEU A 346 16.97 -29.11 15.12
N LYS A 347 18.29 -29.12 14.90
CA LYS A 347 19.21 -28.44 15.81
C LYS A 347 19.59 -27.07 15.28
N VAL A 348 19.51 -26.07 16.16
CA VAL A 348 19.82 -24.70 15.78
C VAL A 348 21.31 -24.44 15.78
N ASP A 349 21.80 -23.78 14.73
CA ASP A 349 23.22 -23.45 14.66
C ASP A 349 23.42 -22.18 15.47
N PRO A 350 24.58 -22.05 16.13
CA PRO A 350 24.77 -20.82 16.90
C PRO A 350 24.71 -19.65 15.92
N ILE A 351 24.45 -18.45 16.45
CA ILE A 351 24.35 -17.26 15.62
C ILE A 351 25.66 -16.99 14.90
N ARG A 352 25.61 -16.98 13.57
CA ARG A 352 26.80 -16.71 12.78
C ARG A 352 26.74 -15.25 12.33
N ALA A 353 27.89 -14.59 12.29
CA ALA A 353 27.96 -13.19 11.88
C ALA A 353 27.52 -12.96 10.43
N LYS A 354 26.90 -11.82 10.19
CA LYS A 354 26.42 -11.44 8.86
C LYS A 354 25.11 -12.11 8.43
N GLU A 355 24.62 -13.05 9.22
CA GLU A 355 23.37 -13.71 8.85
C GLU A 355 22.21 -12.84 9.28
N THR A 356 21.16 -12.84 8.46
CA THR A 356 19.96 -12.05 8.72
C THR A 356 18.96 -12.78 9.62
N LEU A 357 18.48 -12.08 10.63
CA LEU A 357 17.53 -12.64 11.60
C LEU A 357 16.32 -11.74 11.69
N MET A 358 15.31 -12.22 12.40
CA MET A 358 14.08 -11.45 12.58
C MET A 358 13.74 -11.31 14.04
N LEU A 359 13.91 -10.09 14.54
CA LEU A 359 13.62 -9.82 15.94
C LEU A 359 12.26 -9.23 16.11
N SER A 360 11.68 -9.47 17.28
CA SER A 360 10.37 -8.94 17.62
C SER A 360 10.56 -8.07 18.81
N VAL A 361 10.10 -6.83 18.71
CA VAL A 361 10.16 -5.91 19.82
C VAL A 361 8.73 -5.39 19.95
N GLY A 362 8.10 -5.70 21.07
CA GLY A 362 6.72 -5.28 21.25
C GLY A 362 5.90 -5.84 20.09
N SER A 363 5.26 -4.95 19.34
CA SER A 363 4.44 -5.34 18.19
C SER A 363 5.28 -5.21 16.92
N SER A 364 6.56 -4.86 17.11
CA SER A 364 7.48 -4.68 15.99
C SER A 364 8.13 -5.99 15.61
N THR A 365 8.51 -6.08 14.34
CA THR A 365 9.22 -7.25 13.81
C THR A 365 9.91 -6.75 12.55
N THR A 366 11.22 -6.55 12.68
CA THR A 366 12.01 -6.08 11.57
C THR A 366 13.16 -7.05 11.41
N LEU A 367 13.81 -7.03 10.25
CA LEU A 367 14.95 -7.91 10.00
C LEU A 367 16.22 -7.12 10.17
N GLY A 368 17.24 -7.78 10.70
CA GLY A 368 18.51 -7.12 10.90
C GLY A 368 19.66 -8.03 10.58
N ILE A 369 20.83 -7.45 10.33
CA ILE A 369 22.01 -8.24 10.02
C ILE A 369 22.86 -8.28 11.27
N VAL A 370 23.42 -9.45 11.59
CA VAL A 370 24.27 -9.56 12.77
C VAL A 370 25.59 -8.86 12.45
N THR A 371 26.03 -7.98 13.35
CA THR A 371 27.27 -7.27 13.13
C THR A 371 28.30 -7.79 14.11
N SER A 372 27.83 -8.19 15.29
CA SER A 372 28.69 -8.75 16.31
C SER A 372 28.04 -9.98 16.90
N VAL A 373 28.84 -10.93 17.34
CA VAL A 373 28.32 -12.17 17.93
C VAL A 373 29.26 -12.67 19.02
N LYS A 374 28.70 -12.91 20.19
CA LYS A 374 29.47 -13.38 21.34
C LYS A 374 28.65 -14.41 22.08
N LYS A 375 29.22 -14.96 23.15
CA LYS A 375 28.51 -15.98 23.91
C LYS A 375 27.11 -15.58 24.29
N ASP A 376 26.99 -14.50 25.06
CA ASP A 376 25.68 -14.05 25.51
C ASP A 376 25.16 -12.79 24.85
N GLU A 377 25.85 -12.27 23.85
CA GLU A 377 25.39 -11.07 23.19
C GLU A 377 25.71 -11.03 21.73
N ILE A 378 24.90 -10.25 21.01
CA ILE A 378 25.07 -10.06 19.58
C ILE A 378 24.53 -8.66 19.29
N GLU A 379 25.00 -8.06 18.21
CA GLU A 379 24.54 -6.73 17.82
C GLU A 379 23.99 -6.84 16.40
N VAL A 380 22.99 -6.05 16.07
CA VAL A 380 22.43 -6.13 14.74
C VAL A 380 22.08 -4.81 14.08
N GLU A 381 22.24 -4.77 12.76
CA GLU A 381 21.87 -3.60 11.96
C GLU A 381 20.40 -3.86 11.73
N LEU A 382 19.59 -2.82 11.64
CA LEU A 382 18.18 -3.06 11.39
C LEU A 382 17.70 -2.38 10.13
N ARG A 383 16.80 -3.04 9.43
CA ARG A 383 16.19 -2.52 8.20
C ARG A 383 15.45 -1.24 8.54
N ARG A 384 14.71 -1.31 9.63
CA ARG A 384 13.93 -0.19 10.14
C ARG A 384 14.22 -0.17 11.63
N PRO A 385 14.29 1.03 12.21
CA PRO A 385 14.57 1.27 13.63
C PRO A 385 13.46 0.86 14.59
N VAL A 386 13.82 0.63 15.83
CA VAL A 386 12.84 0.24 16.84
C VAL A 386 12.90 1.16 18.04
N ALA A 387 11.74 1.47 18.61
CA ALA A 387 11.68 2.32 19.78
C ALA A 387 11.92 1.42 20.98
N VAL A 388 12.75 1.89 21.90
CA VAL A 388 13.08 1.11 23.08
C VAL A 388 12.64 1.91 24.32
N TRP A 389 11.38 1.73 24.71
CA TRP A 389 10.81 2.46 25.84
C TRP A 389 11.35 2.13 27.22
N SER A 390 11.83 0.91 27.42
CA SER A 390 12.37 0.51 28.72
C SER A 390 13.70 -0.14 28.44
N ASN A 391 14.46 -0.45 29.50
CA ASN A 391 15.75 -1.05 29.28
C ASN A 391 15.60 -2.45 28.71
N ASN A 392 15.53 -3.42 29.60
CA ASN A 392 15.40 -4.79 29.13
C ASN A 392 13.99 -5.09 28.69
N ILE A 393 13.85 -5.13 27.37
CA ILE A 393 12.59 -5.42 26.71
C ILE A 393 12.83 -6.75 26.04
N ARG A 394 11.98 -7.74 26.31
CA ARG A 394 12.19 -9.03 25.71
C ARG A 394 12.12 -8.92 24.20
N THR A 395 12.91 -9.74 23.53
CA THR A 395 12.93 -9.78 22.07
C THR A 395 12.91 -11.25 21.67
N VAL A 396 12.35 -11.51 20.50
CA VAL A 396 12.27 -12.88 20.04
C VAL A 396 13.11 -13.02 18.79
N ILE A 397 14.18 -13.81 18.90
CA ILE A 397 15.05 -14.02 17.77
C ILE A 397 14.48 -15.16 16.91
N SER A 398 14.40 -14.93 15.62
CA SER A 398 13.90 -15.94 14.72
C SER A 398 14.75 -16.05 13.46
N ARG A 399 14.87 -17.29 12.99
CA ARG A 399 15.65 -17.60 11.82
C ARG A 399 14.79 -18.29 10.79
N GLN A 400 15.05 -18.03 9.52
CA GLN A 400 14.28 -18.67 8.47
C GLN A 400 14.88 -20.06 8.34
N ILE A 401 14.68 -20.84 9.38
CA ILE A 401 15.19 -22.20 9.48
C ILE A 401 14.81 -23.05 8.26
N ALA A 402 13.53 -23.20 7.99
CA ALA A 402 13.08 -24.00 6.85
C ALA A 402 13.15 -23.11 5.62
N GLY A 403 12.01 -22.54 5.26
CA GLY A 403 11.90 -21.63 4.16
C GLY A 403 11.01 -20.62 4.83
N ARG A 404 10.54 -21.06 6.00
CA ARG A 404 9.66 -20.30 6.86
C ARG A 404 10.45 -19.88 8.11
N TRP A 405 10.27 -18.63 8.50
CA TRP A 405 10.91 -18.10 9.68
C TRP A 405 10.50 -18.90 10.90
N ARG A 406 11.40 -19.01 11.86
CA ARG A 406 11.07 -19.77 13.05
C ARG A 406 11.86 -19.31 14.26
N MET A 407 11.17 -19.22 15.39
CA MET A 407 11.79 -18.80 16.64
C MET A 407 12.98 -19.71 16.93
N ILE A 408 14.09 -19.13 17.36
CA ILE A 408 15.28 -19.92 17.69
C ILE A 408 15.83 -19.51 19.05
N GLY A 409 15.21 -18.50 19.65
CA GLY A 409 15.64 -18.02 20.97
C GLY A 409 15.01 -16.68 21.31
N TRP A 410 15.45 -16.09 22.42
CA TRP A 410 14.91 -14.81 22.86
C TRP A 410 16.01 -14.07 23.63
N GLY A 411 15.84 -12.77 23.83
CA GLY A 411 16.86 -12.05 24.56
C GLY A 411 16.40 -10.70 25.07
N LEU A 412 17.31 -9.96 25.69
CA LEU A 412 16.98 -8.64 26.20
C LEU A 412 17.74 -7.55 25.44
N VAL A 413 17.01 -6.50 25.05
CA VAL A 413 17.61 -5.38 24.34
C VAL A 413 18.30 -4.51 25.38
N GLU A 414 19.60 -4.32 25.19
CA GLU A 414 20.42 -3.55 26.11
C GLU A 414 20.76 -2.15 25.62
N ILE A 415 20.52 -1.17 26.49
CA ILE A 415 20.81 0.22 26.15
C ILE A 415 21.43 0.92 27.35
N ALA B 2 1.21 41.95 -23.79
CA ALA B 2 1.85 40.80 -23.16
C ALA B 2 1.30 39.51 -23.74
N TRP B 3 1.94 38.39 -23.38
CA TRP B 3 1.51 37.09 -23.84
C TRP B 3 0.55 36.57 -22.78
N PRO B 4 -0.43 35.76 -23.18
CA PRO B 4 -1.45 35.17 -22.30
C PRO B 4 -0.93 34.04 -21.41
N LYS B 5 -1.37 34.03 -20.15
CA LYS B 5 -0.97 32.99 -19.22
C LYS B 5 -2.06 31.91 -19.28
N VAL B 6 -1.93 31.01 -20.26
CA VAL B 6 -2.92 29.95 -20.47
C VAL B 6 -2.37 28.53 -20.24
N GLN B 7 -3.25 27.55 -20.31
CA GLN B 7 -2.87 26.15 -20.11
C GLN B 7 -2.37 25.62 -21.43
N PRO B 8 -1.50 24.60 -21.38
CA PRO B 8 -0.99 24.03 -22.62
C PRO B 8 -2.17 23.39 -23.39
N GLU B 9 -2.07 23.35 -24.70
CA GLU B 9 -3.17 22.81 -25.48
C GLU B 9 -2.84 21.56 -26.31
N VAL B 10 -1.65 21.01 -26.11
CA VAL B 10 -1.27 19.83 -26.87
C VAL B 10 -0.12 19.13 -26.13
N ASN B 11 0.01 17.82 -26.34
CA ASN B 11 1.06 17.05 -25.69
C ASN B 11 1.86 16.29 -26.70
N ILE B 12 3.12 16.67 -26.84
CA ILE B 12 4.00 15.98 -27.76
C ILE B 12 4.81 15.04 -26.89
N GLY B 13 4.96 13.80 -27.35
CA GLY B 13 5.73 12.83 -26.61
C GLY B 13 7.12 12.82 -27.19
N VAL B 14 8.12 12.74 -26.33
CA VAL B 14 9.48 12.71 -26.82
C VAL B 14 10.03 11.34 -26.53
N VAL B 15 10.10 10.53 -27.57
CA VAL B 15 10.62 9.19 -27.41
C VAL B 15 11.91 9.06 -28.15
N GLY B 16 12.89 8.49 -27.47
CA GLY B 16 14.18 8.31 -28.09
C GLY B 16 14.90 7.17 -27.44
N HIS B 17 15.51 6.33 -28.26
CA HIS B 17 16.30 5.20 -27.79
C HIS B 17 17.06 5.78 -26.60
N VAL B 18 17.22 5.01 -25.53
CA VAL B 18 17.94 5.51 -24.36
C VAL B 18 19.25 6.17 -24.78
N ASP B 19 19.47 7.40 -24.28
CA ASP B 19 20.68 8.19 -24.53
C ASP B 19 20.80 8.88 -25.90
N HIS B 20 19.72 8.89 -26.68
CA HIS B 20 19.79 9.54 -27.99
C HIS B 20 19.68 11.05 -27.84
N GLY B 21 19.24 11.51 -26.67
CA GLY B 21 19.13 12.95 -26.39
C GLY B 21 17.81 13.51 -25.88
N LYS B 22 16.84 12.65 -25.59
CA LYS B 22 15.51 13.07 -25.10
C LYS B 22 15.42 14.29 -24.16
N THR B 23 15.67 14.07 -22.87
CA THR B 23 15.58 15.12 -21.84
C THR B 23 16.33 16.41 -22.13
N THR B 24 17.46 16.32 -22.81
CA THR B 24 18.23 17.51 -23.15
C THR B 24 17.51 18.25 -24.25
N LEU B 25 16.89 17.52 -25.18
CA LEU B 25 16.17 18.15 -26.28
C LEU B 25 15.01 19.00 -25.75
N VAL B 26 14.31 18.44 -24.77
CA VAL B 26 13.19 19.14 -24.16
C VAL B 26 13.76 20.40 -23.56
N GLN B 27 14.84 20.25 -22.80
CA GLN B 27 15.48 21.39 -22.16
C GLN B 27 15.89 22.40 -23.21
N ALA B 28 16.37 21.90 -24.35
CA ALA B 28 16.81 22.77 -25.43
C ALA B 28 15.63 23.57 -25.96
N ILE B 29 14.45 22.98 -25.87
CA ILE B 29 13.26 23.66 -26.34
C ILE B 29 12.55 24.46 -25.29
N THR B 30 12.33 23.85 -24.13
CA THR B 30 11.62 24.51 -23.05
C THR B 30 12.52 25.28 -22.11
N GLY B 31 13.65 24.68 -21.76
CA GLY B 31 14.58 25.33 -20.85
C GLY B 31 14.56 24.67 -19.49
N ILE B 32 13.64 23.73 -19.29
CA ILE B 32 13.53 23.04 -18.01
C ILE B 32 14.19 21.66 -17.97
N TRP B 33 14.95 21.42 -16.90
CA TRP B 33 15.62 20.12 -16.72
C TRP B 33 14.52 19.10 -16.43
N THR B 34 14.19 18.28 -17.42
CA THR B 34 13.13 17.27 -17.28
C THR B 34 13.68 15.90 -16.87
N SER B 35 14.32 15.84 -15.70
CA SER B 35 14.88 14.58 -15.21
C SER B 35 15.40 14.69 -13.77
N LYS B 36 14.82 15.62 -13.00
CA LYS B 36 15.23 15.79 -11.61
C LYS B 36 14.21 16.56 -10.78
N HIS B 37 14.48 16.59 -9.43
CA HIS B 37 13.49 17.03 -8.43
C HIS B 37 13.78 17.98 -7.28
N SER B 38 14.09 19.26 -7.45
CA SER B 38 14.19 20.14 -6.29
C SER B 38 13.73 21.50 -6.74
N GLU B 39 14.28 22.05 -7.82
CA GLU B 39 13.69 23.36 -8.12
C GLU B 39 12.29 23.02 -8.61
N GLU B 40 12.12 21.85 -9.18
CA GLU B 40 10.78 21.51 -9.67
C GLU B 40 10.04 20.53 -8.77
N LEU B 41 10.29 20.65 -7.47
CA LEU B 41 9.65 19.82 -6.45
C LEU B 41 8.74 20.75 -5.63
N LYS B 42 9.11 22.03 -5.58
CA LYS B 42 8.37 23.05 -4.86
C LYS B 42 7.12 23.49 -5.61
N ARG B 43 7.22 23.57 -6.94
CA ARG B 43 6.09 23.97 -7.77
C ARG B 43 5.21 22.78 -8.09
N GLY B 44 5.62 21.98 -9.07
CA GLY B 44 4.85 20.80 -9.43
C GLY B 44 5.12 19.71 -8.42
N MET B 45 4.07 19.22 -7.76
CA MET B 45 4.17 18.17 -6.75
C MET B 45 5.11 17.00 -7.10
N THR B 46 4.60 16.06 -7.89
CA THR B 46 5.40 14.89 -8.28
C THR B 46 4.81 14.10 -9.47
N ILE B 47 5.66 13.78 -10.44
CA ILE B 47 5.30 13.01 -11.64
C ILE B 47 6.50 12.13 -12.03
N LYS B 48 6.25 10.96 -12.58
CA LYS B 48 7.32 10.03 -12.99
C LYS B 48 7.82 10.27 -14.43
N LEU B 49 6.97 10.85 -15.27
CA LEU B 49 7.34 11.12 -16.65
C LEU B 49 7.92 12.51 -16.77
N GLY B 50 9.08 12.62 -17.40
CA GLY B 50 9.67 13.93 -17.57
C GLY B 50 8.60 14.77 -18.23
N TYR B 51 8.28 15.92 -17.66
CA TYR B 51 7.24 16.76 -18.23
C TYR B 51 7.55 18.26 -18.18
N ALA B 52 7.44 18.91 -19.32
CA ALA B 52 7.71 20.33 -19.42
C ALA B 52 6.79 20.99 -20.43
N GLU B 53 6.54 22.29 -20.22
CA GLU B 53 5.68 23.07 -21.12
C GLU B 53 6.35 24.40 -21.50
N THR B 54 5.93 24.96 -22.63
CA THR B 54 6.50 26.21 -23.10
C THR B 54 5.56 26.89 -24.09
N ASN B 55 5.63 28.21 -24.17
CA ASN B 55 4.82 28.94 -25.10
C ASN B 55 5.55 29.00 -26.42
N ILE B 56 4.82 29.11 -27.51
CA ILE B 56 5.45 29.19 -28.82
C ILE B 56 4.95 30.44 -29.49
N GLY B 57 5.86 31.30 -29.89
CA GLY B 57 5.49 32.54 -30.55
C GLY B 57 6.26 32.70 -31.84
N VAL B 58 5.90 33.72 -32.61
CA VAL B 58 6.59 33.96 -33.88
C VAL B 58 6.76 35.47 -34.11
N CYS B 59 7.94 35.84 -34.62
CA CYS B 59 8.26 37.23 -34.91
C CYS B 59 7.88 37.51 -36.33
N GLU B 60 6.78 38.24 -36.48
CA GLU B 60 6.23 38.59 -37.79
C GLU B 60 7.19 39.41 -38.65
N SER B 61 7.97 40.27 -38.01
CA SER B 61 8.91 41.07 -38.76
C SER B 61 10.00 40.17 -39.32
N CYS B 62 10.50 39.27 -38.48
CA CYS B 62 11.57 38.35 -38.82
C CYS B 62 11.31 37.30 -39.89
N LYS B 63 12.23 36.37 -40.02
CA LYS B 63 12.14 35.32 -41.03
C LYS B 63 12.36 33.91 -40.48
N LYS B 64 11.59 32.94 -41.00
CA LYS B 64 11.64 31.53 -40.58
C LYS B 64 12.93 30.83 -41.02
N PRO B 65 13.42 29.87 -40.21
CA PRO B 65 12.82 29.45 -38.95
C PRO B 65 13.19 30.35 -37.78
N GLU B 66 14.26 31.11 -37.94
CA GLU B 66 14.73 32.02 -36.91
C GLU B 66 13.65 32.86 -36.22
N ALA B 67 12.55 33.12 -36.94
CA ALA B 67 11.45 33.94 -36.42
C ALA B 67 10.66 33.32 -35.26
N TYR B 68 10.79 32.01 -35.03
CA TYR B 68 10.09 31.34 -33.93
C TYR B 68 10.80 31.55 -32.60
N VAL B 69 10.01 31.72 -31.54
CA VAL B 69 10.56 31.94 -30.20
C VAL B 69 9.76 31.20 -29.16
N THR B 70 10.35 31.03 -27.98
CA THR B 70 9.65 30.37 -26.90
C THR B 70 9.58 31.38 -25.75
N GLU B 71 9.90 32.63 -26.08
CA GLU B 71 9.88 33.72 -25.11
C GLU B 71 9.32 34.93 -25.84
N PRO B 72 8.65 35.83 -25.11
CA PRO B 72 8.06 37.02 -25.70
C PRO B 72 9.09 38.09 -26.02
N SER B 73 9.91 37.84 -27.03
CA SER B 73 10.95 38.80 -27.44
C SER B 73 11.44 38.53 -28.84
N CYS B 74 11.59 39.59 -29.64
CA CYS B 74 12.06 39.40 -31.00
C CYS B 74 13.43 39.99 -31.28
N LYS B 75 14.22 40.09 -30.22
CA LYS B 75 15.57 40.63 -30.33
C LYS B 75 16.46 39.73 -31.15
N SER B 76 16.49 38.44 -30.80
CA SER B 76 17.31 37.46 -31.50
C SER B 76 17.50 37.75 -32.97
N CYS B 77 16.40 38.06 -33.64
CA CYS B 77 16.39 38.39 -35.07
C CYS B 77 15.95 39.84 -35.11
N GLY B 78 15.34 40.27 -36.23
CA GLY B 78 14.87 41.65 -36.33
C GLY B 78 15.08 42.46 -35.05
N SER B 79 14.00 42.67 -34.37
CA SER B 79 14.16 43.38 -33.13
C SER B 79 12.81 43.81 -32.53
N ASP B 80 12.93 44.05 -31.23
CA ASP B 80 11.96 44.67 -30.32
C ASP B 80 10.46 44.56 -30.55
N ASP B 81 9.87 43.88 -31.47
CA ASP B 81 8.42 43.98 -31.28
C ASP B 81 7.98 42.78 -30.42
N GLU B 82 6.97 42.88 -29.57
CA GLU B 82 6.52 41.67 -28.90
C GLU B 82 6.09 40.68 -29.98
N PRO B 83 6.60 39.44 -29.96
CA PRO B 83 6.25 38.40 -30.94
C PRO B 83 4.82 37.92 -30.82
N LYS B 84 4.35 37.25 -31.87
CA LYS B 84 2.99 36.73 -31.90
C LYS B 84 2.89 35.42 -31.14
N PHE B 85 1.97 35.34 -30.18
CA PHE B 85 1.77 34.12 -29.41
C PHE B 85 1.00 33.11 -30.24
N LEU B 86 1.59 31.94 -30.48
CA LEU B 86 0.93 30.90 -31.25
C LEU B 86 0.15 29.95 -30.35
N ARG B 87 0.84 29.38 -29.36
CA ARG B 87 0.18 28.48 -28.43
C ARG B 87 1.16 28.04 -27.36
N ARG B 88 0.64 27.34 -26.36
CA ARG B 88 1.45 26.83 -25.27
C ARG B 88 1.39 25.30 -25.42
N ILE B 89 2.53 24.64 -25.31
CA ILE B 89 2.56 23.20 -25.49
C ILE B 89 3.26 22.48 -24.36
N SER B 90 3.21 21.15 -24.40
CA SER B 90 3.84 20.36 -23.36
C SER B 90 4.48 19.12 -23.94
N PHE B 91 5.60 18.74 -23.32
CA PHE B 91 6.36 17.58 -23.73
C PHE B 91 6.35 16.57 -22.61
N ILE B 92 6.37 15.30 -22.99
CA ILE B 92 6.37 14.24 -22.02
C ILE B 92 7.36 13.22 -22.52
N ASP B 93 8.25 12.77 -21.65
CA ASP B 93 9.23 11.77 -22.04
C ASP B 93 9.54 10.81 -20.93
N ALA B 94 9.98 9.62 -21.32
CA ALA B 94 10.32 8.57 -20.37
C ALA B 94 11.70 8.81 -19.78
N PRO B 95 11.76 9.01 -18.45
CA PRO B 95 13.02 9.27 -17.76
C PRO B 95 14.20 8.51 -18.39
N GLY B 96 15.23 9.26 -18.77
CA GLY B 96 16.43 8.70 -19.40
C GLY B 96 16.66 7.20 -19.25
N HIS B 97 15.91 6.42 -20.03
CA HIS B 97 15.97 4.95 -20.03
C HIS B 97 14.96 4.37 -19.03
N GLU B 98 13.66 4.45 -19.35
CA GLU B 98 12.64 3.93 -18.44
C GLU B 98 11.35 3.35 -19.08
N VAL B 99 10.31 4.18 -19.21
CA VAL B 99 9.02 3.76 -19.76
C VAL B 99 8.65 2.30 -19.48
N LEU B 100 8.60 1.96 -18.18
CA LEU B 100 8.20 0.64 -17.71
C LEU B 100 6.72 0.41 -18.09
N MET B 101 6.49 0.33 -19.42
CA MET B 101 5.30 -0.08 -20.21
C MET B 101 3.90 0.03 -19.69
N ALA B 102 3.73 0.25 -18.43
CA ALA B 102 2.41 0.54 -17.96
C ALA B 102 2.52 2.05 -17.90
N THR B 103 3.62 2.53 -18.52
CA THR B 103 3.85 3.97 -18.44
C THR B 103 3.99 4.55 -19.86
N MET B 104 4.38 3.71 -20.81
CA MET B 104 4.52 4.13 -22.20
C MET B 104 3.11 4.18 -22.80
N LEU B 105 2.38 3.08 -22.63
CA LEU B 105 1.01 2.95 -23.13
C LEU B 105 0.06 3.81 -22.32
N SER B 106 0.25 3.78 -21.01
CA SER B 106 -0.54 4.59 -20.10
C SER B 106 0.05 5.99 -20.18
N GLY B 107 0.78 6.24 -21.26
CA GLY B 107 1.39 7.53 -21.48
C GLY B 107 1.10 8.02 -22.89
N ALA B 108 0.98 7.09 -23.83
CA ALA B 108 0.70 7.44 -25.22
C ALA B 108 -0.79 7.64 -25.46
N ALA B 109 -1.56 7.45 -24.40
CA ALA B 109 -3.01 7.60 -24.47
C ALA B 109 -3.35 9.08 -24.60
N LEU B 110 -2.39 9.91 -24.17
CA LEU B 110 -2.55 11.37 -24.17
C LEU B 110 -1.46 12.17 -24.91
N MET B 111 -1.07 11.69 -26.09
CA MET B 111 -0.06 12.35 -26.92
C MET B 111 -0.68 12.75 -28.24
N ASP B 112 -0.81 14.04 -28.48
CA ASP B 112 -1.40 14.50 -29.71
C ASP B 112 -0.39 14.36 -30.82
N GLY B 113 0.85 14.08 -30.42
CA GLY B 113 1.90 13.91 -31.40
C GLY B 113 3.16 13.45 -30.70
N ALA B 114 4.17 13.07 -31.49
CA ALA B 114 5.42 12.62 -30.91
C ALA B 114 6.64 12.98 -31.72
N ILE B 115 7.78 12.92 -31.03
CA ILE B 115 9.10 13.19 -31.59
C ILE B 115 9.95 11.98 -31.33
N LEU B 116 10.45 11.38 -32.40
CA LEU B 116 11.30 10.22 -32.29
C LEU B 116 12.70 10.78 -32.46
N VAL B 117 13.55 10.51 -31.47
CA VAL B 117 14.93 10.97 -31.46
C VAL B 117 15.91 9.89 -31.86
N VAL B 118 16.79 10.24 -32.79
CA VAL B 118 17.80 9.32 -33.31
C VAL B 118 19.18 9.98 -33.26
N ALA B 119 20.13 9.31 -32.61
CA ALA B 119 21.49 9.82 -32.49
C ALA B 119 22.21 9.64 -33.80
N ALA B 120 22.56 10.74 -34.44
CA ALA B 120 23.24 10.76 -35.73
C ALA B 120 24.60 10.09 -35.76
N ASN B 121 25.27 10.05 -34.61
CA ASN B 121 26.59 9.45 -34.55
C ASN B 121 26.50 7.96 -34.29
N GLU B 122 25.36 7.37 -34.61
CA GLU B 122 25.19 5.95 -34.40
C GLU B 122 24.37 5.31 -35.48
N PRO B 123 24.67 4.05 -35.77
CA PRO B 123 24.00 3.24 -36.79
C PRO B 123 22.50 3.13 -36.57
N PHE B 124 21.75 3.49 -37.61
CA PHE B 124 20.31 3.46 -37.56
C PHE B 124 19.78 2.36 -38.49
N PRO B 125 18.73 1.63 -38.05
CA PRO B 125 18.07 1.78 -36.76
C PRO B 125 18.59 0.90 -35.64
N GLN B 126 18.84 1.52 -34.50
CA GLN B 126 19.30 0.82 -33.31
C GLN B 126 18.20 -0.16 -32.90
N PRO B 127 18.48 -1.04 -31.95
CA PRO B 127 17.46 -2.00 -31.51
C PRO B 127 16.18 -1.33 -31.00
N GLN B 128 16.32 -0.53 -29.95
CA GLN B 128 15.17 0.17 -29.36
C GLN B 128 14.37 1.04 -30.30
N THR B 129 15.05 1.92 -31.04
CA THR B 129 14.35 2.82 -31.96
C THR B 129 13.48 2.03 -32.93
N ARG B 130 13.85 0.79 -33.23
CA ARG B 130 13.06 -0.04 -34.12
C ARG B 130 11.76 -0.38 -33.41
N GLU B 131 11.89 -0.76 -32.14
CA GLU B 131 10.73 -1.09 -31.31
C GLU B 131 9.87 0.13 -31.17
N HIS B 132 10.47 1.19 -30.64
CA HIS B 132 9.78 2.45 -30.45
C HIS B 132 9.05 2.86 -31.70
N PHE B 133 9.65 2.57 -32.84
CA PHE B 133 9.02 2.91 -34.09
C PHE B 133 7.76 2.06 -34.19
N VAL B 134 7.92 0.77 -33.89
CA VAL B 134 6.81 -0.18 -33.90
C VAL B 134 5.75 0.25 -32.87
N ALA B 135 6.18 0.41 -31.62
CA ALA B 135 5.32 0.81 -30.51
C ALA B 135 4.56 2.11 -30.79
N LEU B 136 5.07 2.92 -31.70
CA LEU B 136 4.43 4.18 -32.07
C LEU B 136 3.26 3.97 -33.02
N GLY B 137 3.27 2.83 -33.70
CA GLY B 137 2.20 2.53 -34.62
C GLY B 137 1.07 1.90 -33.83
N ILE B 138 1.45 0.99 -32.94
CA ILE B 138 0.49 0.29 -32.08
C ILE B 138 -0.41 1.29 -31.35
N ILE B 139 0.19 2.24 -30.64
CA ILE B 139 -0.56 3.26 -29.89
C ILE B 139 -1.20 4.24 -30.86
N GLY B 140 -0.87 4.07 -32.13
CA GLY B 140 -1.42 4.90 -33.16
C GLY B 140 -1.27 6.40 -33.01
N VAL B 141 -0.02 6.89 -32.89
CA VAL B 141 0.21 8.33 -32.80
C VAL B 141 0.91 8.70 -34.11
N LYS B 142 0.09 9.07 -35.08
CA LYS B 142 0.53 9.46 -36.42
C LYS B 142 1.40 10.72 -36.51
N ASN B 143 0.99 11.82 -35.85
CA ASN B 143 1.78 13.06 -35.90
C ASN B 143 3.18 12.85 -35.32
N LEU B 144 4.12 12.54 -36.19
CA LEU B 144 5.47 12.25 -35.77
C LEU B 144 6.55 13.10 -36.43
N ILE B 145 7.62 13.33 -35.70
CA ILE B 145 8.74 14.09 -36.22
C ILE B 145 9.96 13.30 -35.85
N ILE B 146 10.90 13.19 -36.79
CA ILE B 146 12.08 12.45 -36.47
C ILE B 146 13.20 13.44 -36.32
N VAL B 147 13.79 13.44 -35.14
CA VAL B 147 14.88 14.34 -34.89
C VAL B 147 16.20 13.61 -34.93
N GLN B 148 17.03 14.02 -35.87
CA GLN B 148 18.35 13.44 -36.04
C GLN B 148 19.28 14.26 -35.15
N ASN B 149 19.41 13.80 -33.91
CA ASN B 149 20.22 14.48 -32.91
C ASN B 149 21.72 14.23 -33.01
N LYS B 150 22.50 15.08 -32.35
CA LYS B 150 23.97 15.01 -32.32
C LYS B 150 24.62 15.24 -33.68
N VAL B 151 23.89 15.86 -34.59
CA VAL B 151 24.37 16.15 -35.93
C VAL B 151 25.70 16.93 -35.96
N ASP B 152 25.98 17.66 -34.88
CA ASP B 152 27.20 18.46 -34.78
C ASP B 152 28.41 17.60 -34.40
N VAL B 153 28.17 16.30 -34.32
CA VAL B 153 29.19 15.33 -33.97
C VAL B 153 29.63 14.57 -35.21
N VAL B 154 28.97 14.83 -36.34
CA VAL B 154 29.31 14.16 -37.59
C VAL B 154 29.28 15.12 -38.75
N SER B 155 29.91 14.72 -39.85
CA SER B 155 29.99 15.51 -41.07
C SER B 155 28.63 15.65 -41.75
N LYS B 156 28.48 16.71 -42.54
CA LYS B 156 27.22 16.92 -43.23
C LYS B 156 26.86 15.71 -44.07
N GLU B 157 27.87 14.98 -44.53
CA GLU B 157 27.61 13.80 -45.35
C GLU B 157 27.24 12.59 -44.51
N GLU B 158 27.99 12.32 -43.45
CA GLU B 158 27.66 11.18 -42.62
C GLU B 158 26.20 11.36 -42.21
N ALA B 159 25.81 12.61 -42.03
CA ALA B 159 24.46 12.95 -41.64
C ALA B 159 23.45 12.69 -42.75
N LEU B 160 23.70 13.25 -43.94
CA LEU B 160 22.79 13.05 -45.06
C LEU B 160 22.73 11.58 -45.38
N SER B 161 23.80 10.86 -45.05
CA SER B 161 23.82 9.44 -45.27
C SER B 161 22.68 8.86 -44.43
N GLN B 162 22.84 8.90 -43.09
CA GLN B 162 21.83 8.40 -42.17
C GLN B 162 20.45 8.93 -42.54
N TYR B 163 20.39 10.18 -43.00
CA TYR B 163 19.11 10.74 -43.40
C TYR B 163 18.43 9.80 -44.39
N ARG B 164 19.18 9.38 -45.40
CA ARG B 164 18.71 8.48 -46.45
C ARG B 164 18.24 7.14 -45.86
N GLN B 165 19.04 6.57 -44.98
CA GLN B 165 18.67 5.32 -44.35
C GLN B 165 17.31 5.44 -43.67
N ILE B 166 17.13 6.50 -42.90
CA ILE B 166 15.88 6.74 -42.21
C ILE B 166 14.72 6.82 -43.20
N LYS B 167 14.94 7.55 -44.28
CA LYS B 167 13.93 7.71 -45.30
C LYS B 167 13.66 6.37 -46.00
N GLN B 168 14.53 5.39 -45.74
CA GLN B 168 14.35 4.06 -46.33
C GLN B 168 13.71 3.16 -45.31
N PHE B 169 13.93 3.46 -44.04
CA PHE B 169 13.34 2.67 -42.97
C PHE B 169 11.86 3.01 -42.90
N THR B 170 11.53 4.22 -43.34
CA THR B 170 10.14 4.64 -43.37
C THR B 170 9.72 4.42 -44.82
N LYS B 171 10.61 3.77 -45.57
CA LYS B 171 10.44 3.47 -46.98
C LYS B 171 9.05 3.67 -47.53
N GLY B 172 8.15 2.76 -47.14
CA GLY B 172 6.77 2.84 -47.59
C GLY B 172 5.83 2.43 -46.47
N THR B 173 6.21 2.75 -45.23
CA THR B 173 5.39 2.42 -44.07
C THR B 173 4.45 3.60 -43.82
N TRP B 174 3.85 3.65 -42.63
CA TRP B 174 2.95 4.74 -42.31
C TRP B 174 3.75 6.05 -42.25
N ALA B 175 4.98 5.98 -41.73
CA ALA B 175 5.86 7.12 -41.56
C ALA B 175 6.65 7.54 -42.81
N GLU B 176 6.23 7.04 -43.96
CA GLU B 176 6.90 7.33 -45.21
C GLU B 176 7.24 8.80 -45.38
N ASN B 177 6.32 9.67 -44.99
CA ASN B 177 6.55 11.11 -45.11
C ASN B 177 6.90 11.83 -43.82
N VAL B 178 7.20 11.10 -42.75
CA VAL B 178 7.58 11.73 -41.50
C VAL B 178 8.82 12.57 -41.75
N PRO B 179 8.82 13.83 -41.30
CA PRO B 179 9.97 14.70 -41.51
C PRO B 179 11.12 14.44 -40.54
N ILE B 180 12.34 14.57 -41.05
CA ILE B 180 13.56 14.38 -40.28
C ILE B 180 14.23 15.74 -40.07
N ILE B 181 14.39 16.13 -38.81
CA ILE B 181 15.01 17.40 -38.48
C ILE B 181 16.27 17.18 -37.66
N PRO B 182 17.44 17.55 -38.23
CA PRO B 182 18.75 17.41 -37.60
C PRO B 182 19.06 18.55 -36.63
N VAL B 183 19.51 18.19 -35.42
CA VAL B 183 19.81 19.19 -34.41
C VAL B 183 20.92 18.78 -33.46
N SER B 184 21.21 19.68 -32.54
CA SER B 184 22.18 19.45 -31.49
C SER B 184 21.55 20.02 -30.22
N ALA B 185 20.83 19.18 -29.50
CA ALA B 185 20.17 19.59 -28.26
C ALA B 185 21.20 20.12 -27.28
N LEU B 186 22.28 19.39 -27.11
CA LEU B 186 23.31 19.80 -26.16
C LEU B 186 23.82 21.19 -26.45
N HIS B 187 24.17 21.46 -27.70
CA HIS B 187 24.70 22.77 -28.06
C HIS B 187 23.74 23.68 -28.80
N LYS B 188 22.44 23.40 -28.69
CA LYS B 188 21.42 24.23 -29.32
C LYS B 188 21.68 24.59 -30.78
N ILE B 189 21.82 23.60 -31.65
CA ILE B 189 22.03 23.88 -33.07
C ILE B 189 20.76 23.61 -33.86
N ASN B 190 20.32 24.60 -34.62
CA ASN B 190 19.15 24.46 -35.49
C ASN B 190 17.85 24.10 -34.78
N ILE B 191 17.66 24.60 -33.57
CA ILE B 191 16.45 24.32 -32.80
C ILE B 191 15.22 25.01 -33.37
N ASP B 192 15.39 26.12 -34.07
CA ASP B 192 14.26 26.84 -34.63
C ASP B 192 13.56 26.02 -35.70
N SER B 193 14.33 25.24 -36.43
CA SER B 193 13.78 24.39 -37.48
C SER B 193 12.84 23.39 -36.82
N LEU B 194 13.27 22.86 -35.69
CA LEU B 194 12.46 21.90 -34.95
C LEU B 194 11.19 22.56 -34.48
N ILE B 195 11.30 23.79 -33.99
CA ILE B 195 10.11 24.47 -33.52
C ILE B 195 9.19 24.77 -34.69
N GLU B 196 9.74 25.21 -35.81
CA GLU B 196 8.89 25.47 -36.94
C GLU B 196 8.25 24.12 -37.28
N GLY B 197 9.06 23.06 -37.23
CA GLY B 197 8.58 21.71 -37.51
C GLY B 197 7.38 21.29 -36.65
N ILE B 198 7.46 21.52 -35.33
CA ILE B 198 6.38 21.19 -34.41
C ILE B 198 5.10 21.95 -34.78
N GLU B 199 5.27 23.16 -35.30
CA GLU B 199 4.12 23.94 -35.70
C GLU B 199 3.52 23.43 -37.00
N GLU B 200 4.35 22.84 -37.86
CA GLU B 200 3.86 22.35 -39.14
C GLU B 200 3.36 20.91 -39.08
N TYR B 201 4.00 20.10 -38.26
CA TYR B 201 3.62 18.69 -38.21
C TYR B 201 2.87 18.16 -37.00
N ILE B 202 2.69 18.98 -35.97
CA ILE B 202 1.96 18.54 -34.81
C ILE B 202 1.05 19.69 -34.40
N LYS B 203 -0.01 19.87 -35.17
CA LYS B 203 -0.97 20.93 -34.93
C LYS B 203 -1.96 20.47 -33.88
N THR B 204 -2.47 21.41 -33.08
CA THR B 204 -3.43 21.05 -32.04
C THR B 204 -4.68 20.43 -32.67
N PRO B 205 -5.18 19.34 -32.08
CA PRO B 205 -6.36 18.61 -32.57
C PRO B 205 -7.68 19.39 -32.43
N TYR B 206 -8.66 19.04 -33.26
CA TYR B 206 -9.95 19.70 -33.19
C TYR B 206 -10.54 19.31 -31.84
N ARG B 207 -11.14 20.26 -31.15
CA ARG B 207 -11.70 19.98 -29.86
C ARG B 207 -13.19 20.28 -29.81
N ASP B 208 -14.01 19.23 -29.69
CA ASP B 208 -15.45 19.45 -29.56
C ASP B 208 -15.64 19.73 -28.08
N LEU B 209 -15.61 21.01 -27.75
CA LEU B 209 -15.74 21.52 -26.40
C LEU B 209 -16.97 21.05 -25.63
N SER B 210 -17.91 20.44 -26.34
CA SER B 210 -19.14 19.98 -25.68
C SER B 210 -19.06 18.51 -25.30
N GLN B 211 -18.27 17.72 -26.02
CA GLN B 211 -18.12 16.30 -25.71
C GLN B 211 -18.15 16.10 -24.20
N LYS B 212 -18.59 14.93 -23.76
CA LYS B 212 -18.65 14.63 -22.34
C LYS B 212 -17.23 14.74 -21.76
N PRO B 213 -17.08 15.40 -20.60
CA PRO B 213 -15.75 15.55 -19.98
C PRO B 213 -15.18 14.24 -19.46
N VAL B 214 -13.93 13.97 -19.84
CA VAL B 214 -13.28 12.77 -19.37
C VAL B 214 -11.81 13.06 -19.13
N MET B 215 -11.32 12.59 -18.00
CA MET B 215 -9.93 12.77 -17.64
C MET B 215 -9.35 11.40 -17.33
N LEU B 216 -8.07 11.23 -17.59
CA LEU B 216 -7.40 9.97 -17.31
C LEU B 216 -6.46 10.18 -16.14
N VAL B 217 -6.80 9.61 -14.99
CA VAL B 217 -5.98 9.76 -13.81
C VAL B 217 -4.70 8.99 -14.03
N ILE B 218 -3.58 9.70 -13.99
CA ILE B 218 -2.26 9.10 -14.19
C ILE B 218 -1.45 9.27 -12.92
N ARG B 219 -1.96 10.11 -12.02
CA ARG B 219 -1.29 10.39 -10.76
C ARG B 219 -2.32 10.83 -9.73
N SER B 220 -2.00 10.61 -8.46
CA SER B 220 -2.90 11.00 -7.37
C SER B 220 -2.13 10.96 -6.06
N PHE B 221 -2.49 11.81 -5.11
CA PHE B 221 -1.77 11.81 -3.84
C PHE B 221 -2.30 12.69 -2.73
N ASP B 222 -1.83 12.36 -1.54
CA ASP B 222 -2.15 13.09 -0.33
C ASP B 222 -1.11 14.22 -0.33
N VAL B 223 -1.59 15.44 -0.49
CA VAL B 223 -0.66 16.56 -0.56
C VAL B 223 -0.31 17.22 0.76
N ASN B 224 -0.93 16.80 1.85
CA ASN B 224 -0.65 17.37 3.16
C ASN B 224 0.73 16.98 3.72
N LYS B 225 1.43 17.98 4.27
CA LYS B 225 2.75 17.77 4.85
C LYS B 225 2.61 17.21 6.25
N PRO B 226 3.69 16.65 6.80
CA PRO B 226 3.58 16.11 8.16
C PRO B 226 3.39 17.29 9.11
N GLY B 227 2.64 17.09 10.18
CA GLY B 227 2.43 18.17 11.12
C GLY B 227 1.28 19.10 10.79
N THR B 228 0.55 18.80 9.73
CA THR B 228 -0.58 19.62 9.34
C THR B 228 -1.67 19.50 10.40
N GLN B 229 -2.35 20.61 10.71
CA GLN B 229 -3.43 20.58 11.69
C GLN B 229 -4.65 19.99 10.98
N PHE B 230 -5.41 19.17 11.67
CA PHE B 230 -6.57 18.53 11.06
C PHE B 230 -7.49 19.51 10.37
N ASN B 231 -7.68 20.68 10.97
CA ASN B 231 -8.56 21.71 10.43
C ASN B 231 -7.90 22.41 9.25
N GLU B 232 -6.65 22.08 9.00
CA GLU B 232 -5.91 22.67 7.91
C GLU B 232 -5.66 21.63 6.82
N LEU B 233 -6.31 20.47 6.95
CA LEU B 233 -6.14 19.42 5.95
C LEU B 233 -6.76 19.79 4.63
N LYS B 234 -6.19 19.25 3.55
CA LYS B 234 -6.69 19.49 2.21
C LYS B 234 -7.09 18.17 1.56
N GLY B 235 -8.15 18.20 0.77
CA GLY B 235 -8.64 17.01 0.09
C GLY B 235 -7.62 16.37 -0.82
N GLY B 236 -7.84 15.11 -1.20
CA GLY B 236 -6.89 14.45 -2.07
C GLY B 236 -6.75 15.20 -3.38
N VAL B 237 -5.61 14.99 -4.04
CA VAL B 237 -5.36 15.63 -5.33
C VAL B 237 -5.19 14.56 -6.41
N ILE B 238 -5.80 14.82 -7.55
CA ILE B 238 -5.76 13.91 -8.68
C ILE B 238 -5.19 14.57 -9.91
N GLY B 239 -4.10 14.01 -10.42
CA GLY B 239 -3.48 14.57 -11.59
C GLY B 239 -3.65 13.71 -12.80
N GLY B 240 -4.05 14.32 -13.91
CA GLY B 240 -4.22 13.54 -15.12
C GLY B 240 -4.20 14.41 -16.35
N SER B 241 -4.80 13.90 -17.42
CA SER B 241 -4.87 14.64 -18.65
C SER B 241 -6.30 14.51 -19.11
N ILE B 242 -6.87 15.63 -19.53
CA ILE B 242 -8.24 15.64 -20.00
C ILE B 242 -8.24 15.21 -21.46
N ILE B 243 -8.96 14.14 -21.74
CA ILE B 243 -9.05 13.61 -23.08
C ILE B 243 -9.98 14.45 -23.95
N GLN B 244 -11.14 14.78 -23.41
CA GLN B 244 -12.15 15.55 -24.12
C GLN B 244 -13.00 16.33 -23.11
N GLY B 245 -13.93 17.13 -23.61
CA GLY B 245 -14.79 17.93 -22.75
C GLY B 245 -13.99 18.98 -21.99
N LEU B 246 -14.49 19.40 -20.84
CA LEU B 246 -13.76 20.37 -20.04
C LEU B 246 -14.32 20.36 -18.64
N PHE B 247 -13.47 20.54 -17.64
CA PHE B 247 -13.95 20.56 -16.27
C PHE B 247 -13.79 21.95 -15.69
N LYS B 248 -14.56 22.24 -14.65
CA LYS B 248 -14.53 23.54 -14.00
C LYS B 248 -14.57 23.37 -12.50
N VAL B 249 -14.04 24.35 -11.79
CA VAL B 249 -14.02 24.32 -10.34
C VAL B 249 -15.44 24.16 -9.82
N ASP B 250 -15.56 23.50 -8.67
CA ASP B 250 -16.85 23.27 -8.01
C ASP B 250 -17.80 22.33 -8.74
N GLN B 251 -17.31 21.73 -9.81
CA GLN B 251 -18.10 20.80 -10.60
C GLN B 251 -18.25 19.46 -9.87
N GLU B 252 -19.33 18.76 -10.20
CA GLU B 252 -19.60 17.46 -9.60
C GLU B 252 -19.02 16.34 -10.44
N ILE B 253 -18.15 15.55 -9.84
CA ILE B 253 -17.53 14.46 -10.58
C ILE B 253 -17.53 13.16 -9.81
N LYS B 254 -17.09 12.11 -10.51
CA LYS B 254 -16.97 10.77 -9.95
C LYS B 254 -15.79 10.06 -10.58
N VAL B 255 -15.15 9.20 -9.79
CA VAL B 255 -13.99 8.44 -10.24
C VAL B 255 -14.39 7.03 -10.61
N LEU B 256 -14.14 6.64 -11.85
CA LEU B 256 -14.50 5.33 -12.34
C LEU B 256 -13.24 4.52 -12.67
N PRO B 257 -13.26 3.19 -12.44
CA PRO B 257 -14.32 2.33 -11.91
C PRO B 257 -14.74 2.76 -10.50
N GLY B 258 -13.84 3.42 -9.80
CA GLY B 258 -14.14 3.87 -8.47
C GLY B 258 -13.39 3.12 -7.40
N LEU B 259 -14.05 3.03 -6.26
CA LEU B 259 -13.55 2.37 -5.06
C LEU B 259 -13.82 0.87 -5.03
N ARG B 260 -12.79 0.09 -4.76
CA ARG B 260 -12.90 -1.36 -4.69
C ARG B 260 -13.33 -1.81 -3.31
N VAL B 261 -14.39 -2.60 -3.28
CA VAL B 261 -14.91 -3.11 -2.03
C VAL B 261 -14.90 -4.64 -2.10
N GLU B 262 -14.14 -5.27 -1.19
CA GLU B 262 -14.04 -6.72 -1.14
C GLU B 262 -15.16 -7.29 -0.26
N LYS B 263 -16.04 -6.41 0.16
CA LYS B 263 -17.20 -6.76 1.00
C LYS B 263 -17.99 -7.92 0.38
N GLN B 264 -18.61 -8.72 1.26
CA GLN B 264 -19.42 -9.88 0.87
C GLN B 264 -18.67 -11.04 0.24
N GLY B 265 -17.35 -11.07 0.43
CA GLY B 265 -16.53 -12.12 -0.15
C GLY B 265 -16.05 -11.76 -1.54
N LYS B 266 -16.97 -11.37 -2.41
CA LYS B 266 -16.61 -10.98 -3.77
C LYS B 266 -16.22 -9.51 -3.80
N VAL B 267 -15.56 -9.10 -4.86
CA VAL B 267 -15.13 -7.72 -5.01
C VAL B 267 -15.91 -7.05 -6.15
N SER B 268 -16.33 -5.81 -5.91
CA SER B 268 -17.06 -5.01 -6.89
C SER B 268 -16.52 -3.57 -6.78
N TYR B 269 -16.93 -2.67 -7.65
CA TYR B 269 -16.43 -1.31 -7.58
C TYR B 269 -17.50 -0.24 -7.43
N GLU B 270 -17.33 0.59 -6.41
CA GLU B 270 -18.27 1.67 -6.18
C GLU B 270 -17.63 2.97 -6.66
N PRO B 271 -18.25 3.64 -7.63
CA PRO B 271 -17.65 4.89 -8.10
C PRO B 271 -17.50 5.89 -6.97
N ILE B 272 -16.47 6.71 -7.05
CA ILE B 272 -16.19 7.70 -6.03
C ILE B 272 -16.67 9.08 -6.44
N PHE B 273 -17.44 9.71 -5.59
CA PHE B 273 -17.95 11.05 -5.88
C PHE B 273 -17.24 12.15 -5.12
N THR B 274 -17.17 13.32 -5.75
CA THR B 274 -16.53 14.46 -5.14
C THR B 274 -16.76 15.66 -6.04
N LYS B 275 -16.15 16.78 -5.66
CA LYS B 275 -16.29 18.04 -6.38
C LYS B 275 -14.88 18.62 -6.61
N ILE B 276 -14.70 19.34 -7.71
CA ILE B 276 -13.42 19.98 -8.01
C ILE B 276 -13.24 21.21 -7.12
N SER B 277 -12.16 21.26 -6.35
CA SER B 277 -11.93 22.41 -5.49
C SER B 277 -10.93 23.35 -6.17
N SER B 278 -10.00 22.78 -6.93
CA SER B 278 -9.01 23.60 -7.62
C SER B 278 -8.48 22.90 -8.85
N ILE B 279 -8.04 23.70 -9.81
CA ILE B 279 -7.49 23.18 -11.05
C ILE B 279 -6.16 23.90 -11.22
N ARG B 280 -5.07 23.16 -11.39
CA ARG B 280 -3.77 23.78 -11.54
C ARG B 280 -2.94 23.15 -12.67
N PHE B 281 -2.25 24.00 -13.44
CA PHE B 281 -1.40 23.56 -14.54
C PHE B 281 0.05 23.97 -14.26
N GLY B 282 0.60 23.51 -13.14
CA GLY B 282 1.96 23.87 -12.77
C GLY B 282 1.89 24.78 -11.57
N ASP B 283 2.29 26.03 -11.76
CA ASP B 283 2.24 27.00 -10.68
C ASP B 283 1.02 27.85 -10.96
N GLU B 284 0.63 27.83 -12.24
CA GLU B 284 -0.52 28.57 -12.74
C GLU B 284 -1.80 27.83 -12.35
N GLU B 285 -2.71 28.55 -11.71
CA GLU B 285 -3.99 27.97 -11.30
C GLU B 285 -5.13 28.56 -12.12
N PHE B 286 -5.95 27.69 -12.70
CA PHE B 286 -7.07 28.12 -13.55
C PHE B 286 -8.44 27.81 -12.99
N LYS B 287 -9.46 28.32 -13.67
CA LYS B 287 -10.84 28.12 -13.26
C LYS B 287 -11.40 26.88 -13.95
N GLU B 288 -10.84 26.56 -15.11
CA GLU B 288 -11.30 25.40 -15.85
C GLU B 288 -10.16 24.73 -16.60
N ALA B 289 -10.32 23.43 -16.84
CA ALA B 289 -9.30 22.67 -17.52
C ALA B 289 -9.83 22.01 -18.78
N LYS B 290 -9.04 22.12 -19.85
CA LYS B 290 -9.36 21.54 -21.14
C LYS B 290 -8.26 20.52 -21.44
N PRO B 291 -8.29 19.88 -22.64
CA PRO B 291 -7.25 18.90 -22.98
C PRO B 291 -5.90 19.55 -23.19
N GLY B 292 -4.84 18.74 -23.11
CA GLY B 292 -3.49 19.26 -23.29
C GLY B 292 -2.84 19.46 -21.93
N GLY B 293 -1.55 19.17 -21.84
CA GLY B 293 -0.85 19.32 -20.58
C GLY B 293 -1.40 18.46 -19.45
N LEU B 294 -0.76 18.52 -18.29
CA LEU B 294 -1.18 17.73 -17.14
C LEU B 294 -1.84 18.58 -16.09
N VAL B 295 -3.04 18.17 -15.70
CA VAL B 295 -3.81 18.90 -14.73
C VAL B 295 -3.68 18.29 -13.36
N ALA B 296 -3.78 19.15 -12.34
CA ALA B 296 -3.75 18.72 -10.95
C ALA B 296 -5.09 19.17 -10.41
N ILE B 297 -5.90 18.21 -10.00
CA ILE B 297 -7.23 18.52 -9.49
C ILE B 297 -7.40 18.40 -7.99
N GLY B 298 -7.84 19.49 -7.37
CA GLY B 298 -8.09 19.46 -5.95
C GLY B 298 -9.51 18.93 -5.77
N THR B 299 -9.69 17.99 -4.85
CA THR B 299 -11.02 17.43 -4.63
C THR B 299 -11.34 17.55 -3.15
N TYR B 300 -12.48 17.02 -2.76
CA TYR B 300 -12.86 17.06 -1.36
C TYR B 300 -12.74 15.67 -0.79
N LEU B 301 -11.90 14.86 -1.42
CA LEU B 301 -11.69 13.47 -1.02
C LEU B 301 -10.79 13.27 0.19
N ASP B 302 -11.10 12.22 0.93
CA ASP B 302 -10.30 11.82 2.06
C ASP B 302 -8.95 11.52 1.39
N PRO B 303 -7.87 12.21 1.80
CA PRO B 303 -6.56 11.98 1.21
C PRO B 303 -6.14 10.52 1.19
N SER B 304 -6.72 9.71 2.07
CA SER B 304 -6.42 8.28 2.12
C SER B 304 -6.68 7.64 0.76
N LEU B 305 -7.72 8.13 0.10
CA LEU B 305 -8.14 7.63 -1.21
C LEU B 305 -7.18 7.90 -2.37
N THR B 306 -6.44 9.00 -2.29
CA THR B 306 -5.51 9.40 -3.34
C THR B 306 -4.07 9.14 -2.95
N LYS B 307 -3.82 9.14 -1.65
CA LYS B 307 -2.49 8.90 -1.13
C LYS B 307 -1.68 7.96 -2.00
N ALA B 308 -0.49 8.40 -2.40
CA ALA B 308 0.40 7.56 -3.21
C ALA B 308 -0.19 6.87 -4.43
N ASP B 309 -0.60 7.64 -5.43
CA ASP B 309 -1.14 7.07 -6.67
C ASP B 309 -2.18 5.98 -6.49
N ASN B 310 -3.04 6.09 -5.50
CA ASN B 310 -4.03 5.05 -5.30
C ASN B 310 -5.00 4.90 -6.46
N LEU B 311 -5.39 6.03 -7.05
CA LEU B 311 -6.37 6.02 -8.14
C LEU B 311 -5.79 5.99 -9.56
N LEU B 312 -4.51 5.68 -9.69
CA LEU B 312 -3.91 5.63 -11.01
C LEU B 312 -4.67 4.66 -11.92
N GLY B 313 -4.93 5.10 -13.15
CA GLY B 313 -5.63 4.25 -14.10
C GLY B 313 -7.12 4.50 -14.16
N SER B 314 -7.62 5.31 -13.24
CA SER B 314 -9.04 5.60 -13.21
C SER B 314 -9.35 6.66 -14.24
N ILE B 315 -10.64 7.00 -14.35
CA ILE B 315 -11.04 8.08 -15.23
C ILE B 315 -12.02 8.93 -14.43
N ILE B 316 -12.08 10.21 -14.76
CA ILE B 316 -12.95 11.14 -14.08
C ILE B 316 -13.98 11.65 -15.09
N THR B 317 -15.24 11.65 -14.70
CA THR B 317 -16.28 12.16 -15.57
C THR B 317 -17.20 12.97 -14.67
N LEU B 318 -18.15 13.68 -15.26
CA LEU B 318 -19.07 14.47 -14.44
C LEU B 318 -19.89 13.46 -13.66
N ALA B 319 -20.31 13.81 -12.45
CA ALA B 319 -21.07 12.89 -11.60
C ALA B 319 -22.19 12.15 -12.32
N ASP B 320 -22.97 12.92 -13.05
CA ASP B 320 -24.11 12.46 -13.82
C ASP B 320 -23.74 11.77 -15.13
N ALA B 321 -22.45 11.58 -15.37
CA ALA B 321 -22.03 10.94 -16.60
C ALA B 321 -22.61 9.54 -16.72
N GLU B 322 -22.80 9.13 -17.96
CA GLU B 322 -23.35 7.81 -18.26
C GLU B 322 -22.20 6.98 -18.84
N VAL B 323 -21.36 6.44 -17.96
CA VAL B 323 -20.22 5.64 -18.42
C VAL B 323 -20.28 4.19 -17.93
N PRO B 324 -20.10 3.25 -18.85
CA PRO B 324 -20.14 1.81 -18.58
C PRO B 324 -18.82 1.31 -17.99
N VAL B 325 -18.92 0.67 -16.84
CA VAL B 325 -17.75 0.08 -16.20
C VAL B 325 -17.98 -1.43 -16.46
N LEU B 326 -17.13 -2.02 -17.29
CA LEU B 326 -17.26 -3.42 -17.68
C LEU B 326 -16.19 -4.38 -17.14
N TRP B 327 -16.57 -5.65 -17.00
CA TRP B 327 -15.64 -6.67 -16.52
C TRP B 327 -15.38 -7.66 -17.64
N ASN B 328 -16.09 -7.48 -18.74
CA ASN B 328 -15.95 -8.34 -19.90
C ASN B 328 -16.07 -7.40 -21.08
N ILE B 329 -15.18 -7.55 -22.05
CA ILE B 329 -15.23 -6.66 -23.21
C ILE B 329 -14.94 -7.33 -24.54
N ARG B 330 -15.53 -6.79 -25.60
CA ARG B 330 -15.34 -7.31 -26.94
C ARG B 330 -14.41 -6.35 -27.66
N ILE B 331 -13.33 -6.89 -28.22
CA ILE B 331 -12.33 -6.08 -28.91
C ILE B 331 -12.13 -6.46 -30.35
N LYS B 332 -12.13 -5.48 -31.24
CA LYS B 332 -11.87 -5.72 -32.66
C LYS B 332 -10.37 -5.46 -32.79
N TYR B 333 -9.58 -6.53 -32.73
CA TYR B 333 -8.13 -6.43 -32.77
C TYR B 333 -7.42 -6.53 -34.13
N ASN B 334 -6.09 -6.44 -34.03
CA ASN B 334 -5.15 -6.50 -35.13
C ASN B 334 -3.78 -6.80 -34.54
N LEU B 335 -3.28 -8.00 -34.76
CA LEU B 335 -1.99 -8.38 -34.22
C LEU B 335 -0.81 -8.09 -35.13
N LEU B 336 0.36 -8.41 -34.61
CA LEU B 336 1.61 -8.26 -35.31
C LEU B 336 2.02 -9.67 -35.71
N GLU B 337 2.86 -9.74 -36.73
CA GLU B 337 3.34 -10.99 -37.28
C GLU B 337 4.57 -11.43 -36.50
N ARG B 338 5.32 -10.46 -35.99
CA ARG B 338 6.52 -10.72 -35.21
C ARG B 338 6.94 -9.49 -34.42
N VAL B 339 7.76 -9.71 -33.40
CA VAL B 339 8.25 -8.62 -32.55
C VAL B 339 9.70 -8.84 -32.17
N VAL B 340 10.42 -7.73 -31.96
CA VAL B 340 11.82 -7.78 -31.58
C VAL B 340 11.93 -8.41 -30.20
N GLY B 341 12.22 -9.71 -30.16
CA GLY B 341 12.32 -10.39 -28.88
C GLY B 341 13.58 -11.21 -28.69
N ALA B 342 14.58 -10.61 -28.05
CA ALA B 342 15.86 -11.26 -27.78
C ALA B 342 16.64 -11.53 -29.08
N LYS B 343 17.24 -12.71 -29.15
CA LYS B 343 18.00 -13.14 -30.32
C LYS B 343 17.02 -13.97 -31.15
N GLU B 344 15.92 -13.35 -31.57
CA GLU B 344 14.91 -14.06 -32.34
C GLU B 344 14.08 -13.23 -33.32
N MET B 345 13.66 -12.04 -32.91
CA MET B 345 12.82 -11.22 -33.77
C MET B 345 11.63 -12.13 -34.09
N LEU B 346 11.30 -12.95 -33.11
CA LEU B 346 10.22 -13.93 -33.20
C LEU B 346 8.87 -13.40 -33.68
N LYS B 347 8.05 -14.33 -34.15
CA LYS B 347 6.72 -14.02 -34.67
C LYS B 347 5.66 -14.18 -33.58
N VAL B 348 4.64 -13.33 -33.64
CA VAL B 348 3.57 -13.35 -32.66
C VAL B 348 2.55 -14.43 -32.95
N ASP B 349 2.39 -15.34 -31.99
CA ASP B 349 1.40 -16.42 -32.11
C ASP B 349 0.01 -15.78 -31.98
N PRO B 350 -1.00 -16.35 -32.64
CA PRO B 350 -2.36 -15.79 -32.54
C PRO B 350 -2.92 -15.99 -31.14
N ILE B 351 -3.91 -15.18 -30.79
CA ILE B 351 -4.54 -15.27 -29.49
C ILE B 351 -5.18 -16.62 -29.27
N ARG B 352 -5.05 -17.13 -28.05
CA ARG B 352 -5.58 -18.44 -27.66
C ARG B 352 -6.64 -18.29 -26.56
N ALA B 353 -7.53 -19.26 -26.43
CA ALA B 353 -8.54 -19.18 -25.38
C ALA B 353 -7.88 -19.49 -24.04
N LYS B 354 -8.39 -18.90 -22.96
CA LYS B 354 -7.84 -19.10 -21.61
C LYS B 354 -6.52 -18.38 -21.47
N GLU B 355 -6.01 -17.86 -22.58
CA GLU B 355 -4.76 -17.13 -22.56
C GLU B 355 -5.00 -15.85 -21.80
N THR B 356 -4.06 -15.51 -20.94
CA THR B 356 -4.16 -14.29 -20.14
C THR B 356 -3.40 -13.17 -20.81
N LEU B 357 -4.08 -12.05 -21.01
CA LEU B 357 -3.48 -10.90 -21.66
C LEU B 357 -3.51 -9.63 -20.80
N MET B 358 -2.81 -8.62 -21.29
CA MET B 358 -2.78 -7.35 -20.61
C MET B 358 -3.29 -6.32 -21.58
N LEU B 359 -4.38 -5.68 -21.20
CA LEU B 359 -4.97 -4.68 -22.06
C LEU B 359 -4.80 -3.31 -21.45
N SER B 360 -4.46 -2.34 -22.27
CA SER B 360 -4.30 -1.01 -21.78
C SER B 360 -5.36 -0.13 -22.42
N VAL B 361 -6.12 0.56 -21.57
CA VAL B 361 -7.15 1.47 -22.02
C VAL B 361 -6.90 2.77 -21.29
N GLY B 362 -6.85 3.86 -22.03
CA GLY B 362 -6.56 5.11 -21.40
C GLY B 362 -5.31 4.88 -20.57
N SER B 363 -5.36 5.29 -19.31
CA SER B 363 -4.21 5.14 -18.43
C SER B 363 -4.17 3.80 -17.70
N SER B 364 -5.24 3.02 -17.81
CA SER B 364 -5.28 1.74 -17.10
C SER B 364 -4.74 0.58 -17.91
N THR B 365 -4.07 -0.33 -17.21
CA THR B 365 -3.58 -1.53 -17.83
C THR B 365 -4.23 -2.59 -16.95
N THR B 366 -5.07 -3.43 -17.55
CA THR B 366 -5.74 -4.45 -16.77
C THR B 366 -5.40 -5.81 -17.30
N LEU B 367 -5.41 -6.79 -16.40
CA LEU B 367 -5.10 -8.17 -16.75
C LEU B 367 -6.43 -8.86 -17.09
N GLY B 368 -6.40 -9.75 -18.08
CA GLY B 368 -7.62 -10.44 -18.44
C GLY B 368 -7.39 -11.78 -19.10
N ILE B 369 -8.39 -12.65 -19.05
CA ILE B 369 -8.27 -13.94 -19.70
C ILE B 369 -9.25 -14.01 -20.85
N VAL B 370 -8.75 -14.40 -22.03
CA VAL B 370 -9.58 -14.49 -23.22
C VAL B 370 -10.69 -15.51 -23.04
N THR B 371 -11.92 -15.14 -23.41
CA THR B 371 -13.04 -16.04 -23.27
C THR B 371 -13.68 -16.34 -24.60
N SER B 372 -13.07 -15.85 -25.66
CA SER B 372 -13.58 -16.06 -27.01
C SER B 372 -12.61 -15.51 -28.02
N VAL B 373 -12.44 -16.24 -29.13
CA VAL B 373 -11.52 -15.81 -30.17
C VAL B 373 -12.06 -16.02 -31.57
N LYS B 374 -12.40 -14.95 -32.25
CA LYS B 374 -12.87 -15.04 -33.63
C LYS B 374 -11.69 -14.47 -34.40
N LYS B 375 -11.88 -14.14 -35.66
CA LYS B 375 -10.79 -13.62 -36.46
C LYS B 375 -10.50 -12.15 -36.26
N ASP B 376 -11.55 -11.35 -36.11
CA ASP B 376 -11.36 -9.92 -35.92
C ASP B 376 -11.74 -9.49 -34.52
N GLU B 377 -12.26 -10.42 -33.73
CA GLU B 377 -12.69 -10.08 -32.39
C GLU B 377 -12.30 -11.10 -31.35
N ILE B 378 -12.25 -10.65 -30.12
CA ILE B 378 -11.94 -11.53 -29.03
C ILE B 378 -12.73 -11.00 -27.85
N GLU B 379 -13.09 -11.89 -26.93
CA GLU B 379 -13.83 -11.51 -25.73
C GLU B 379 -12.95 -11.78 -24.53
N VAL B 380 -12.87 -10.78 -23.65
CA VAL B 380 -12.01 -10.88 -22.49
C VAL B 380 -12.65 -10.72 -21.12
N GLU B 381 -12.21 -11.55 -20.19
CA GLU B 381 -12.69 -11.55 -18.83
C GLU B 381 -11.67 -10.77 -18.01
N LEU B 382 -12.05 -9.57 -17.59
CA LEU B 382 -11.15 -8.71 -16.84
C LEU B 382 -11.01 -8.98 -15.35
N ARG B 383 -9.77 -8.84 -14.90
CA ARG B 383 -9.39 -9.01 -13.50
C ARG B 383 -9.97 -7.86 -12.69
N ARG B 384 -10.14 -6.72 -13.35
CA ARG B 384 -10.67 -5.49 -12.75
C ARG B 384 -11.49 -4.78 -13.82
N PRO B 385 -12.66 -4.23 -13.45
CA PRO B 385 -13.52 -3.53 -14.41
C PRO B 385 -12.83 -2.44 -15.21
N VAL B 386 -13.54 -1.90 -16.19
CA VAL B 386 -12.98 -0.86 -17.05
C VAL B 386 -14.02 0.16 -17.53
N ALA B 387 -13.78 1.45 -17.25
CA ALA B 387 -14.71 2.49 -17.69
C ALA B 387 -14.56 2.71 -19.18
N VAL B 388 -15.66 2.53 -19.92
CA VAL B 388 -15.65 2.67 -21.36
C VAL B 388 -16.49 3.88 -21.77
N TRP B 389 -15.86 5.05 -21.75
CA TRP B 389 -16.49 6.35 -22.04
C TRP B 389 -16.99 6.66 -23.45
N SER B 390 -16.56 5.87 -24.43
CA SER B 390 -16.94 6.05 -25.83
C SER B 390 -16.83 4.70 -26.51
N ASN B 391 -17.40 4.54 -27.71
CA ASN B 391 -17.31 3.25 -28.34
C ASN B 391 -15.89 2.93 -28.75
N ASN B 392 -15.48 3.48 -29.89
CA ASN B 392 -14.15 3.20 -30.40
C ASN B 392 -13.05 3.82 -29.57
N ILE B 393 -12.56 3.02 -28.64
CA ILE B 393 -11.47 3.40 -27.74
C ILE B 393 -10.35 2.45 -28.10
N ARG B 394 -9.19 3.00 -28.38
CA ARG B 394 -8.10 2.12 -28.74
C ARG B 394 -7.62 1.40 -27.50
N THR B 395 -7.15 0.18 -27.70
CA THR B 395 -6.62 -0.65 -26.64
C THR B 395 -5.42 -1.44 -27.17
N VAL B 396 -4.39 -1.54 -26.35
CA VAL B 396 -3.18 -2.24 -26.73
C VAL B 396 -3.11 -3.59 -26.03
N ILE B 397 -2.99 -4.65 -26.83
CA ILE B 397 -2.89 -5.99 -26.30
C ILE B 397 -1.43 -6.33 -26.07
N SER B 398 -1.13 -6.87 -24.89
CA SER B 398 0.22 -7.26 -24.56
C SER B 398 0.20 -8.71 -24.12
N ARG B 399 1.35 -9.37 -24.21
CA ARG B 399 1.47 -10.77 -23.84
C ARG B 399 2.77 -11.07 -23.09
N GLN B 400 2.79 -12.19 -22.38
CA GLN B 400 3.94 -12.63 -21.65
C GLN B 400 4.88 -13.36 -22.58
N ILE B 401 5.26 -12.72 -23.63
CA ILE B 401 6.23 -13.35 -24.48
C ILE B 401 7.57 -13.32 -23.68
N ALA B 402 8.17 -14.48 -23.35
CA ALA B 402 9.42 -14.58 -22.57
C ALA B 402 9.69 -13.49 -21.53
N GLY B 403 9.47 -13.77 -20.22
CA GLY B 403 9.80 -12.85 -19.12
C GLY B 403 8.71 -11.84 -18.72
N ARG B 404 8.50 -10.80 -19.57
CA ARG B 404 7.54 -9.72 -19.36
C ARG B 404 6.71 -9.43 -20.61
N TRP B 405 5.73 -8.57 -20.39
CA TRP B 405 4.79 -8.16 -21.40
C TRP B 405 5.38 -7.33 -22.51
N ARG B 406 4.90 -7.58 -23.71
CA ARG B 406 5.36 -6.86 -24.87
C ARG B 406 4.16 -6.76 -25.80
N MET B 407 3.90 -5.55 -26.28
CA MET B 407 2.76 -5.34 -27.15
C MET B 407 2.77 -6.30 -28.35
N ILE B 408 1.62 -6.88 -28.66
CA ILE B 408 1.48 -7.83 -29.77
C ILE B 408 0.40 -7.39 -30.74
N GLY B 409 -0.18 -6.23 -30.49
CA GLY B 409 -1.23 -5.74 -31.37
C GLY B 409 -2.08 -4.72 -30.66
N TRP B 410 -3.03 -4.15 -31.40
CA TRP B 410 -3.94 -3.14 -30.86
C TRP B 410 -5.38 -3.50 -31.23
N GLY B 411 -6.30 -2.56 -31.03
CA GLY B 411 -7.69 -2.85 -31.37
C GLY B 411 -8.64 -1.89 -30.72
N LEU B 412 -9.92 -2.01 -31.04
CA LEU B 412 -10.95 -1.14 -30.48
C LEU B 412 -11.91 -1.92 -29.58
N VAL B 413 -12.66 -1.20 -28.75
CA VAL B 413 -13.60 -1.82 -27.84
C VAL B 413 -15.03 -1.60 -28.32
N GLU B 414 -15.79 -2.68 -28.40
CA GLU B 414 -17.18 -2.58 -28.84
C GLU B 414 -18.17 -2.59 -27.69
N ILE B 415 -19.12 -1.67 -27.76
CA ILE B 415 -20.15 -1.57 -26.75
C ILE B 415 -21.47 -1.22 -27.41
PB GDP C . -9.71 -23.65 16.84
O1B GDP C . -9.87 -23.18 18.21
O2B GDP C . -8.16 -24.04 16.59
O3B GDP C . -10.15 -22.50 15.80
O3A GDP C . -10.63 -24.97 16.62
PA GDP C . -12.22 -24.62 16.88
O1A GDP C . -12.42 -24.15 18.27
O2A GDP C . -12.74 -23.49 15.84
O5' GDP C . -13.02 -26.00 16.65
C5' GDP C . -14.41 -25.77 16.84
C4' GDP C . -15.12 -27.11 16.63
O4' GDP C . -14.63 -28.10 17.59
C3' GDP C . -16.64 -26.96 16.81
O3' GDP C . -17.32 -27.20 15.57
C2' GDP C . -17.04 -27.95 17.92
O2' GDP C . -18.00 -28.92 17.43
C1' GDP C . -15.74 -28.64 18.38
N9 GDP C . -15.53 -28.41 19.84
C8 GDP C . -15.01 -27.27 20.41
N7 GDP C . -14.97 -27.40 21.71
C5 GDP C . -15.46 -28.61 22.06
C6 GDP C . -15.65 -29.31 23.31
O6 GDP C . -15.36 -28.79 24.35
N1 GDP C . -16.20 -30.56 23.29
C2 GDP C . -16.54 -31.16 22.10
N2 GDP C . -17.07 -32.43 22.11
N3 GDP C . -16.36 -30.54 20.93
C4 GDP C . -15.82 -29.28 20.86
PG GNP D . -11.62 1.33 6.00
O1G GNP D . -12.86 2.26 5.69
O2G GNP D . -10.24 1.96 5.19
O3G GNP D . -11.93 -0.27 5.47
N3B GNP D . -11.34 1.34 7.71
PB GNP D . -12.74 0.71 8.51
O1B GNP D . -14.03 1.62 8.16
O2B GNP D . -12.98 -0.89 7.98
O3A GNP D . -12.48 0.74 10.21
PA GNP D . -13.70 0.16 11.15
O1A GNP D . -14.96 0.91 10.95
O2A GNP D . -13.98 -1.40 10.84
O5' GNP D . -13.17 0.38 12.64
C5' GNP D . -14.08 -0.06 13.64
C4' GNP D . -13.41 0.37 14.94
O4' GNP D . -13.25 1.80 14.92
C3' GNP D . -14.22 -0.02 16.17
O3' GNP D . -13.78 -1.28 16.68
C2' GNP D . -14.03 1.20 17.12
O2' GNP D . -13.46 0.93 18.40
C1' GNP D . -13.16 2.19 16.30
N9 GNP D . -13.62 3.59 16.48
C8 GNP D . -14.57 4.20 15.70
N7 GNP D . -14.77 5.41 16.09
C5 GNP D . -13.98 5.67 17.17
C6 GNP D . -13.78 6.81 18.01
O6 GNP D . -14.41 7.84 17.81
N1 GNP D . -12.87 6.72 19.03
C2 GNP D . -12.17 5.55 19.26
N2 GNP D . -11.26 5.51 20.29
N3 GNP D . -12.34 4.48 18.48
C4 GNP D . -13.23 4.50 17.44
O11 PPV E . 6.21 5.05 5.99
P1 PPV E . 5.05 5.26 6.88
O21 PPV E . 3.89 6.04 6.06
O31 PPV E . 5.49 6.14 8.15
OPP PPV E . 4.46 3.83 7.38
P2 PPV E . 5.59 3.01 8.21
O12 PPV E . 6.78 2.76 7.36
O22 PPV E . 6.05 3.85 9.51
O32 PPV E . 4.98 1.59 8.69
O11 PPV F . -19.60 -35.14 18.50
P1 PPV F . -18.93 -34.02 19.19
O21 PPV F . -17.38 -34.38 19.41
O31 PPV F . -19.62 -33.79 20.63
OPP PPV F . -19.04 -32.66 18.29
P2 PPV F . -20.60 -32.24 18.05
O12 PPV F . -21.31 -33.33 17.32
O22 PPV F . -21.34 -31.97 19.45
O32 PPV F . -20.66 -30.90 17.15
O11 PPV G . -3.66 18.23 18.22
P1 PPV G . -3.96 19.47 17.47
O21 PPV G . -3.47 20.74 18.34
O31 PPV G . -5.55 19.58 17.22
OPP PPV G . -3.19 19.46 16.03
P2 PPV G . -3.66 18.18 15.13
O12 PPV G . -3.34 16.92 15.83
O22 PPV G . -5.23 18.27 14.84
O32 PPV G . -2.87 18.19 13.72
PB GDP H . 17.95 10.75 -22.38
O1B GDP H . 17.33 11.92 -23.03
O2B GDP H . 17.18 9.41 -22.86
O3B GDP H . 17.84 10.89 -20.77
O3A GDP H . 19.52 10.65 -22.84
PA GDP H . 20.35 11.99 -22.39
O1A GDP H . 19.77 13.18 -23.04
O2A GDP H . 20.30 12.17 -20.78
O5' GDP H . 21.87 11.78 -22.86
C5' GDP H . 22.62 12.93 -22.47
C4' GDP H . 24.06 12.75 -22.93
O4' GDP H . 24.11 12.59 -24.37
C3' GDP H . 24.91 13.96 -22.52
O3' GDP H . 25.96 13.56 -21.63
C2' GDP H . 25.43 14.57 -23.83
O2' GDP H . 26.88 14.60 -23.86
C1' GDP H . 24.86 13.69 -24.96
N9 GDP H . 23.99 14.50 -25.86
C8 GDP H . 22.61 14.64 -25.80
N7 GDP H . 22.19 15.42 -26.75
C5 GDP H . 23.25 15.85 -27.49
C6 GDP H . 23.42 16.69 -28.65
O6 GDP H . 22.46 17.22 -29.17
N1 GDP H . 24.68 16.91 -29.15
C2 GDP H . 25.78 16.31 -28.56
N2 GDP H . 27.01 16.54 -29.08
N3 GDP H . 25.64 15.51 -27.49
C4 GDP H . 24.42 15.26 -26.94
O11 PPV I . -7.49 1.89 -6.42
P1 PPV I . -8.88 1.55 -6.80
O21 PPV I . -8.86 0.85 -8.26
O31 PPV I . -9.76 2.89 -6.86
OPP PPV I . -9.53 0.51 -5.72
P2 PPV I . -9.56 1.18 -4.24
O12 PPV I . -8.19 1.51 -3.79
O22 PPV I . -10.45 2.51 -4.25
O32 PPV I . -10.20 0.14 -3.20
O11 PPV J . 30.34 18.32 -26.27
P1 PPV J . 30.79 17.10 -25.58
O21 PPV J . 31.35 16.05 -26.69
O31 PPV J . 29.55 16.43 -24.80
OPP PPV J . 32.00 17.43 -24.53
P2 PPV J . 31.49 18.49 -23.39
O12 PPV J . 31.06 19.77 -24.03
O22 PPV J . 30.26 17.87 -22.55
O32 PPV J . 32.71 18.80 -22.39
O11 PPV K . -18.15 18.97 0.66
P1 PPV K . -18.34 18.86 -0.81
O21 PPV K . -18.11 20.30 -1.48
O31 PPV K . -19.82 18.34 -1.14
OPP PPV K . -17.23 17.81 -1.42
P2 PPV K . -17.41 16.33 -0.76
O12 PPV K . -17.23 16.40 0.70
O22 PPV K . -18.88 15.76 -1.09
O32 PPV K . -16.32 15.32 -1.39
#